data_6QGT
#
_entry.id   6QGT
#
_cell.length_a   235.429
_cell.length_b   235.429
_cell.length_c   235.429
_cell.angle_alpha   90.00
_cell.angle_beta   90.00
_cell.angle_gamma   90.00
#
_symmetry.space_group_name_H-M   'F 2 3'
#
loop_
_entity.id
_entity.type
_entity.pdbx_description
1 polymer 'Coenzyme F420 hydrogenase subunit gamma'
2 polymer 'F420-reducing hydrogenase, subunit alpha'
3 polymer 'Coenzyme F420 hydrogenase subunit beta'
4 non-polymer 'IRON/SULFUR CLUSTER'
5 non-polymer 'FE2/S2 (INORGANIC) CLUSTER'
6 non-polymer TRIS-HYDROXYMETHYL-METHYL-AMMONIUM
7 non-polymer (R,R)-2,3-BUTANEDIOL
8 non-polymer dicyano-(oxidaniumylidynemethylnickelio)-(oxidanylidenemethylidene)iron
9 non-polymer 'FE (III) ION'
10 non-polymer 'MAGNESIUM ION'
11 non-polymer (4S)-2-METHYL-2,4-PENTANEDIOL
12 non-polymer 'FLAVIN-ADENINE DINUCLEOTIDE'
13 water water
#
loop_
_entity_poly.entity_id
_entity_poly.type
_entity_poly.pdbx_seq_one_letter_code
_entity_poly.pdbx_strand_id
1 'polypeptide(L)'
;TNKIKIGHVHMSGCTGCLVSLADNNLGLIKILDDYADLVYCLTLADVRHIPEMDVALVEGSVCLQDHESVEDIKETRKKS
KIVVALGSCACYGNITRFSRGGQHNQPQHESYLPIGDLIDVDVYIPGCPPSPELIRNVAVMAYLLLEGNEEQKELAGKYL
KPLMDLAKRGTSGCFCDLMYDVINQGLCMGCGTCAASCPVHAITLEFGKPQGERDLCIKCGSCYGACPRSFFNLDVISEF
ENISEIIAKALKD
;
G
2 'polypeptide(L)'
;MTKVVEISPTTRLEGHSKLTLKVNDQGIVERGDWLSITPVRGIEKLAIGKTMEQVPKIASRVCGICPIAHTLASTEAMEA
SIGCEIPTDAKLLRIILHAANRIHSHALHNILILPDFYIPGTEKKFNLFANEQPARSVMARIVRIREIAQTIAAIAGGEA
IHPSNPRIGGMYHNVSPRAKQKMADLAKECLVLVHEQMEFMLDVIRNMQNREFVEVGGKQIPLPKKLGYHNQGVMATAPM
YGSSSLDDNPTWDFTRWKETRPWDWYMGEVTIDLEDPSYPIGGTTKVGTKANPQMESCTGVPTYDGQPVEVGPRARLATF
KNFDEKGTFAQHIARQMEYPDCCYTILNCLDNLNTSGKVLADHIPQGDGSMGWAANEAPRGSNIHLARVKDGKVRWYDML
VPTTWNFPTCSRALTGAPWQIAEMVVRAYDPCVSCATH
;
A
3 'polypeptide(L)'
;MIEDPYLGKYVTCVSARSTDKEILKKAQDGGIATALMVYALEEGFIDGTIVAGEGDKPWQPKPVVAMTREDILKARGTRY
NISPQISWLKEATRSFGLDKVGVTGVCCQMQAVRKAQLYPINMRDVPGKVAFTVGLFCMENFSYKSLQSIVEDHANQSLG
SVKKMEITKGKFWVYTERGNVATVPLKATHKYEQPGCHVCLDYVSNLADISTGSVGSPDGWSTVFIRTKVGNEIWSKAVA
DGMFETKPIEEVKPGLDLLRKLAKQKIDKNQKTVEERKTFGINKGLRNPYA
;
B
#
loop_
_chem_comp.id
_chem_comp.type
_chem_comp.name
_chem_comp.formula
144 non-polymer TRIS-HYDROXYMETHYL-METHYL-AMMONIUM 'C4 H12 N O3 1'
BU3 non-polymer (R,R)-2,3-BUTANEDIOL 'C4 H10 O2'
FAD non-polymer 'FLAVIN-ADENINE DINUCLEOTIDE' 'C27 H33 N9 O15 P2'
FE non-polymer 'FE (III) ION' 'Fe 3'
FES non-polymer 'FE2/S2 (INORGANIC) CLUSTER' 'Fe2 S2'
J52 non-polymer dicyano-(oxidaniumylidynemethylnickelio)-(oxidanylidenemethylidene)iron 'C4 Fe N2 Ni O2 1'
MG non-polymer 'MAGNESIUM ION' 'Mg 2'
MPD non-polymer (4S)-2-METHYL-2,4-PENTANEDIOL 'C6 H14 O2'
SF4 non-polymer 'IRON/SULFUR CLUSTER' 'Fe4 S4'
#
# COMPACT_ATOMS: atom_id res chain seq x y z
N ASN A 2 -30.79 -5.37 -5.39
CA ASN A 2 -29.97 -6.22 -6.25
C ASN A 2 -28.46 -5.95 -6.14
N LYS A 3 -27.72 -6.98 -5.73
CA LYS A 3 -26.27 -6.92 -5.64
C LYS A 3 -25.65 -7.03 -7.02
N ILE A 4 -24.60 -6.24 -7.26
CA ILE A 4 -23.84 -6.41 -8.49
C ILE A 4 -22.91 -7.62 -8.37
N LYS A 5 -22.45 -8.09 -9.51
CA LYS A 5 -21.60 -9.29 -9.56
C LYS A 5 -20.16 -8.85 -9.82
N ILE A 6 -19.26 -9.27 -8.92
CA ILE A 6 -17.85 -8.84 -8.92
C ILE A 6 -16.95 -10.08 -8.97
N GLY A 7 -15.95 -10.04 -9.84
CA GLY A 7 -14.90 -11.04 -9.86
C GLY A 7 -13.54 -10.43 -9.58
N HIS A 8 -12.65 -11.26 -9.06
CA HIS A 8 -11.24 -10.91 -8.97
C HIS A 8 -10.49 -11.81 -9.93
N VAL A 9 -9.86 -11.20 -10.92
CA VAL A 9 -9.10 -11.93 -11.92
C VAL A 9 -7.62 -11.69 -11.64
N HIS A 10 -6.87 -12.78 -11.50
CA HIS A 10 -5.47 -12.75 -11.14
C HIS A 10 -4.64 -13.09 -12.37
N MET A 11 -4.05 -12.05 -12.99
CA MET A 11 -3.11 -12.29 -14.08
C MET A 11 -1.71 -12.44 -13.49
N SER A 12 -0.69 -11.79 -14.06
CA SER A 12 0.66 -11.92 -13.52
C SER A 12 0.83 -10.85 -12.45
N GLY A 13 0.23 -11.12 -11.28
CA GLY A 13 0.21 -10.21 -10.17
C GLY A 13 0.79 -10.89 -8.93
N CYS A 14 0.81 -10.15 -7.82
CA CYS A 14 1.41 -10.69 -6.60
C CYS A 14 0.36 -11.05 -5.54
N THR A 15 -0.92 -10.77 -5.80
CA THR A 15 -2.09 -10.97 -4.96
C THR A 15 -2.14 -9.90 -3.89
N GLY A 16 -1.15 -9.01 -3.83
CA GLY A 16 -1.23 -7.88 -2.92
C GLY A 16 -2.39 -6.94 -3.22
N CYS A 17 -2.81 -6.88 -4.48
CA CYS A 17 -4.02 -6.14 -4.80
C CYS A 17 -5.25 -6.77 -4.14
N LEU A 18 -5.37 -8.11 -4.16
CA LEU A 18 -6.47 -8.74 -3.44
C LEU A 18 -6.36 -8.50 -1.95
N VAL A 19 -5.14 -8.63 -1.38
CA VAL A 19 -4.95 -8.35 0.05
C VAL A 19 -5.43 -6.94 0.37
N SER A 20 -5.12 -5.98 -0.50
CA SER A 20 -5.56 -4.61 -0.25
C SER A 20 -7.09 -4.52 -0.19
N LEU A 21 -7.79 -5.24 -1.07
CA LEU A 21 -9.27 -5.27 -1.00
C LEU A 21 -9.71 -5.82 0.36
N ALA A 22 -9.16 -6.97 0.73
CA ALA A 22 -9.48 -7.60 2.01
C ALA A 22 -9.12 -6.73 3.19
N ASP A 23 -8.19 -5.79 3.04
CA ASP A 23 -7.79 -4.95 4.16
C ASP A 23 -8.78 -3.83 4.42
N ASN A 24 -9.94 -3.83 3.72
CA ASN A 24 -11.09 -3.04 4.15
C ASN A 24 -11.82 -3.69 5.32
N ASN A 25 -11.42 -4.91 5.70
CA ASN A 25 -11.82 -5.51 6.97
C ASN A 25 -13.34 -5.69 6.96
N LEU A 26 -14.06 -5.21 7.98
CA LEU A 26 -15.51 -5.38 7.98
C LEU A 26 -16.18 -4.57 6.88
N GLY A 27 -15.48 -3.60 6.30
CA GLY A 27 -16.03 -2.90 5.15
C GLY A 27 -16.25 -3.83 3.99
N LEU A 28 -15.30 -4.75 3.75
CA LEU A 28 -15.45 -5.71 2.67
C LEU A 28 -16.63 -6.63 2.93
N ILE A 29 -16.74 -7.13 4.15
CA ILE A 29 -17.85 -8.01 4.51
C ILE A 29 -19.18 -7.26 4.39
N LYS A 30 -19.22 -5.99 4.79
CA LYS A 30 -20.42 -5.17 4.58
C LYS A 30 -20.80 -5.11 3.10
N ILE A 31 -19.83 -4.83 2.24
CA ILE A 31 -20.08 -4.79 0.80
C ILE A 31 -20.54 -6.15 0.28
N LEU A 32 -19.93 -7.24 0.74
CA LEU A 32 -20.36 -8.54 0.26
C LEU A 32 -21.74 -8.93 0.80
N ASP A 33 -22.09 -8.43 1.99
CA ASP A 33 -23.41 -8.66 2.57
C ASP A 33 -24.53 -7.95 1.79
N ASP A 34 -24.30 -6.71 1.37
CA ASP A 34 -25.40 -5.86 0.92
C ASP A 34 -25.35 -5.48 -0.54
N TYR A 35 -24.17 -5.33 -1.14
CA TYR A 35 -24.10 -4.72 -2.46
C TYR A 35 -23.52 -5.60 -3.53
N ALA A 36 -22.85 -6.69 -3.18
CA ALA A 36 -22.08 -7.36 -4.22
C ALA A 36 -21.91 -8.83 -3.90
N ASP A 37 -22.01 -9.64 -4.94
CA ASP A 37 -21.71 -11.06 -4.86
C ASP A 37 -20.37 -11.28 -5.54
N LEU A 38 -19.46 -11.98 -4.83
CA LEU A 38 -18.17 -12.37 -5.38
C LEU A 38 -18.35 -13.66 -6.18
N VAL A 39 -18.52 -13.52 -7.50
CA VAL A 39 -18.82 -14.67 -8.34
C VAL A 39 -17.58 -15.45 -8.73
N TYR A 40 -16.38 -14.90 -8.53
CA TYR A 40 -15.16 -15.51 -9.05
C TYR A 40 -13.96 -14.90 -8.36
N CYS A 41 -13.05 -15.77 -7.91
CA CYS A 41 -11.79 -15.43 -7.23
C CYS A 41 -11.09 -16.74 -6.83
N LEU A 42 -10.07 -17.14 -7.61
CA LEU A 42 -9.41 -18.41 -7.37
C LEU A 42 -8.82 -18.50 -5.96
N THR A 43 -8.44 -17.35 -5.38
CA THR A 43 -7.83 -17.34 -4.06
C THR A 43 -8.84 -17.65 -2.96
N LEU A 44 -10.11 -17.27 -3.15
CA LEU A 44 -11.10 -17.35 -2.08
C LEU A 44 -12.24 -18.31 -2.33
N ALA A 45 -12.49 -18.70 -3.59
CA ALA A 45 -13.68 -19.47 -3.95
C ALA A 45 -13.32 -20.50 -5.02
N ASP A 46 -14.19 -21.51 -5.18
CA ASP A 46 -13.86 -22.66 -6.03
C ASP A 46 -14.45 -22.57 -7.45
N VAL A 47 -14.99 -21.42 -7.85
CA VAL A 47 -15.43 -21.25 -9.23
C VAL A 47 -14.19 -21.32 -10.15
N ARG A 48 -14.13 -22.35 -10.99
CA ARG A 48 -12.91 -22.62 -11.73
C ARG A 48 -12.75 -21.77 -12.98
N HIS A 49 -13.84 -21.30 -13.60
CA HIS A 49 -13.77 -20.59 -14.87
C HIS A 49 -14.44 -19.25 -14.74
N ILE A 50 -14.01 -18.32 -15.58
CA ILE A 50 -14.45 -16.93 -15.52
C ILE A 50 -15.93 -16.85 -15.87
N PRO A 51 -16.80 -16.40 -14.95
CA PRO A 51 -18.23 -16.25 -15.26
C PRO A 51 -18.51 -14.85 -15.73
N GLU A 52 -19.78 -14.51 -15.97
CA GLU A 52 -20.16 -13.14 -16.27
C GLU A 52 -19.98 -12.26 -15.06
N MET A 53 -19.56 -11.02 -15.27
CA MET A 53 -19.38 -10.12 -14.13
C MET A 53 -19.88 -8.73 -14.47
N ASP A 54 -20.47 -8.06 -13.48
CA ASP A 54 -20.70 -6.62 -13.61
C ASP A 54 -19.39 -5.86 -13.54
N VAL A 55 -18.53 -6.21 -12.56
CA VAL A 55 -17.23 -5.59 -12.36
C VAL A 55 -16.19 -6.69 -12.25
N ALA A 56 -15.18 -6.65 -13.13
CA ALA A 56 -13.97 -7.46 -13.00
C ALA A 56 -12.86 -6.56 -12.46
N LEU A 57 -12.43 -6.86 -11.22
CA LEU A 57 -11.20 -6.36 -10.64
C LEU A 57 -10.05 -7.24 -11.12
N VAL A 58 -9.25 -6.71 -12.03
CA VAL A 58 -8.19 -7.46 -12.68
C VAL A 58 -6.85 -6.93 -12.17
N GLU A 59 -6.06 -7.81 -11.57
CA GLU A 59 -4.72 -7.48 -11.09
C GLU A 59 -3.65 -8.18 -11.93
N GLY A 60 -2.45 -7.58 -11.93
CA GLY A 60 -1.32 -8.15 -12.64
C GLY A 60 -1.35 -7.85 -14.13
N SER A 61 -0.22 -8.10 -14.79
CA SER A 61 -0.08 -7.87 -16.22
C SER A 61 -0.18 -9.21 -16.97
N VAL A 62 0.02 -9.17 -18.28
CA VAL A 62 -0.22 -10.34 -19.16
C VAL A 62 1.09 -10.80 -19.78
N CYS A 63 1.46 -12.06 -19.56
CA CYS A 63 2.62 -12.62 -20.23
C CYS A 63 2.20 -13.04 -21.64
N LEU A 64 2.77 -12.36 -22.66
CA LEU A 64 2.44 -12.65 -24.05
C LEU A 64 2.77 -14.09 -24.45
N GLN A 65 3.74 -14.71 -23.79
CA GLN A 65 4.10 -16.06 -24.17
C GLN A 65 3.37 -17.11 -23.36
N ASP A 66 2.33 -16.74 -22.64
CA ASP A 66 1.55 -17.74 -21.89
C ASP A 66 0.11 -17.75 -22.44
N HIS A 67 -0.22 -18.80 -23.19
CA HIS A 67 -1.46 -18.84 -23.95
C HIS A 67 -2.69 -18.70 -23.05
N GLU A 68 -2.73 -19.45 -21.94
CA GLU A 68 -3.88 -19.37 -21.05
C GLU A 68 -4.06 -17.95 -20.51
N SER A 69 -2.95 -17.26 -20.21
CA SER A 69 -3.05 -15.89 -19.71
C SER A 69 -3.71 -14.96 -20.74
N VAL A 70 -3.25 -15.02 -22.00
CA VAL A 70 -3.84 -14.21 -23.06
C VAL A 70 -5.33 -14.52 -23.24
N GLU A 71 -5.68 -15.80 -23.27
CA GLU A 71 -7.09 -16.18 -23.33
C GLU A 71 -7.89 -15.65 -22.13
N ASP A 72 -7.32 -15.77 -20.91
CA ASP A 72 -7.99 -15.25 -19.72
C ASP A 72 -8.35 -13.77 -19.83
N ILE A 73 -7.39 -12.92 -20.28
CA ILE A 73 -7.70 -11.48 -20.29
C ILE A 73 -8.71 -11.14 -21.41
N LYS A 74 -8.62 -11.83 -22.55
CA LYS A 74 -9.65 -11.65 -23.58
C LYS A 74 -11.02 -12.14 -23.09
N GLU A 75 -11.06 -13.32 -22.48
CA GLU A 75 -12.31 -13.85 -21.92
C GLU A 75 -12.89 -12.92 -20.88
N THR A 76 -12.04 -12.25 -20.10
CA THR A 76 -12.50 -11.36 -19.03
C THR A 76 -13.25 -10.17 -19.59
N ARG A 77 -12.68 -9.53 -20.63
CA ARG A 77 -13.35 -8.40 -21.28
C ARG A 77 -14.68 -8.84 -21.86
N LYS A 78 -14.71 -10.01 -22.52
CA LYS A 78 -15.95 -10.55 -23.06
C LYS A 78 -17.00 -10.78 -21.97
N LYS A 79 -16.59 -11.19 -20.77
CA LYS A 79 -17.52 -11.59 -19.71
C LYS A 79 -17.96 -10.45 -18.79
N SER A 80 -17.42 -9.25 -18.96
CA SER A 80 -17.57 -8.19 -17.96
C SER A 80 -18.16 -6.91 -18.55
N LYS A 81 -19.08 -6.29 -17.81
CA LYS A 81 -19.57 -4.96 -18.18
C LYS A 81 -18.52 -3.89 -17.93
N ILE A 82 -17.92 -3.88 -16.75
CA ILE A 82 -16.91 -2.90 -16.39
C ILE A 82 -15.61 -3.66 -16.09
N VAL A 83 -14.53 -3.27 -16.76
CA VAL A 83 -13.21 -3.85 -16.52
C VAL A 83 -12.41 -2.84 -15.72
N VAL A 84 -11.92 -3.25 -14.56
CA VAL A 84 -11.06 -2.43 -13.71
C VAL A 84 -9.66 -3.02 -13.72
N ALA A 85 -8.68 -2.24 -14.20
CA ALA A 85 -7.27 -2.55 -13.93
C ALA A 85 -7.01 -2.23 -12.46
N LEU A 86 -6.95 -3.28 -11.63
CA LEU A 86 -6.72 -3.13 -10.19
C LEU A 86 -5.22 -3.16 -9.92
N GLY A 87 -4.68 -2.05 -9.42
CA GLY A 87 -3.26 -1.96 -9.09
C GLY A 87 -2.36 -1.65 -10.28
N SER A 88 -1.10 -1.32 -9.96
CA SER A 88 -0.18 -0.75 -10.94
C SER A 88 0.32 -1.78 -11.97
N CYS A 89 0.41 -3.07 -11.62
CA CYS A 89 0.78 -4.05 -12.63
C CYS A 89 -0.26 -4.10 -13.73
N ALA A 90 -1.55 -4.14 -13.34
CA ALA A 90 -2.60 -4.17 -14.36
C ALA A 90 -2.67 -2.84 -15.14
N CYS A 91 -2.54 -1.71 -14.44
CA CYS A 91 -2.60 -0.40 -15.09
C CYS A 91 -1.41 -0.16 -15.99
N TYR A 92 -0.19 -0.44 -15.48
CA TYR A 92 1.03 0.15 -16.00
C TYR A 92 2.19 -0.82 -16.16
N GLY A 93 1.98 -2.10 -15.90
CA GLY A 93 3.09 -3.05 -15.98
C GLY A 93 3.91 -3.16 -14.71
N ASN A 94 4.29 -2.03 -14.12
CA ASN A 94 4.95 -1.99 -12.78
C ASN A 94 6.22 -2.83 -12.86
N ILE A 95 6.48 -3.75 -11.92
CA ILE A 95 7.78 -4.43 -11.92
C ILE A 95 7.91 -5.37 -13.11
N THR A 96 6.80 -5.75 -13.78
CA THR A 96 6.93 -6.65 -14.93
C THR A 96 7.40 -5.92 -16.19
N ARG A 97 7.39 -4.58 -16.21
CA ARG A 97 8.16 -3.86 -17.23
C ARG A 97 9.60 -4.38 -17.29
N PHE A 98 10.19 -4.74 -16.13
CA PHE A 98 11.59 -5.17 -16.05
C PHE A 98 11.81 -6.62 -16.48
N SER A 99 10.76 -7.44 -16.53
CA SER A 99 10.90 -8.82 -16.97
C SER A 99 11.56 -8.89 -18.33
N ARG A 100 12.49 -9.84 -18.47
CA ARG A 100 13.14 -10.00 -19.77
C ARG A 100 13.48 -11.46 -20.06
N GLY A 101 12.82 -12.41 -19.42
CA GLY A 101 13.01 -13.81 -19.78
C GLY A 101 14.27 -14.40 -19.17
N GLY A 102 14.54 -15.64 -19.56
CA GLY A 102 15.83 -16.23 -19.27
C GLY A 102 15.91 -17.03 -17.98
N GLN A 103 14.82 -17.18 -17.23
CA GLN A 103 14.79 -17.85 -15.94
C GLN A 103 14.04 -19.17 -16.04
N HIS A 104 14.53 -20.19 -15.32
CA HIS A 104 13.80 -21.45 -15.28
C HIS A 104 12.47 -21.28 -14.55
N ASN A 105 11.50 -22.11 -14.91
CA ASN A 105 11.61 -23.13 -15.96
C ASN A 105 10.89 -22.68 -17.24
N GLN A 106 10.78 -21.37 -17.46
CA GLN A 106 10.16 -20.86 -18.69
C GLN A 106 10.99 -19.69 -19.17
N PRO A 107 12.17 -19.96 -19.72
CA PRO A 107 13.05 -18.86 -20.15
C PRO A 107 12.46 -18.03 -21.28
N GLN A 108 11.42 -18.54 -21.95
CA GLN A 108 10.74 -17.82 -23.03
C GLN A 108 9.66 -16.89 -22.51
N HIS A 109 9.31 -17.00 -21.23
CA HIS A 109 8.37 -16.09 -20.59
C HIS A 109 9.03 -14.74 -20.39
N GLU A 110 9.03 -13.95 -21.46
CA GLU A 110 9.90 -12.80 -21.59
C GLU A 110 9.17 -11.47 -21.57
N SER A 111 7.93 -11.42 -22.09
CA SER A 111 7.24 -10.17 -22.42
C SER A 111 5.95 -10.03 -21.64
N TYR A 112 5.78 -8.89 -20.97
CA TYR A 112 4.62 -8.61 -20.14
C TYR A 112 4.08 -7.23 -20.49
N LEU A 113 2.75 -7.15 -20.69
CA LEU A 113 2.10 -5.87 -20.96
C LEU A 113 0.96 -5.65 -19.99
N PRO A 114 0.72 -4.39 -19.61
CA PRO A 114 -0.49 -4.08 -18.84
C PRO A 114 -1.74 -4.48 -19.64
N ILE A 115 -2.86 -4.67 -18.92
CA ILE A 115 -4.00 -5.32 -19.56
C ILE A 115 -4.60 -4.44 -20.63
N GLY A 116 -4.49 -3.11 -20.46
CA GLY A 116 -4.97 -2.10 -21.39
C GLY A 116 -4.33 -2.16 -22.77
N ASP A 117 -3.24 -2.89 -22.92
CA ASP A 117 -2.66 -3.08 -24.23
C ASP A 117 -3.27 -4.27 -24.96
N LEU A 118 -4.06 -5.06 -24.27
CA LEU A 118 -4.69 -6.23 -24.88
C LEU A 118 -6.20 -6.12 -24.96
N ILE A 119 -6.83 -5.44 -24.00
CA ILE A 119 -8.26 -5.22 -23.99
C ILE A 119 -8.47 -3.75 -23.64
N ASP A 120 -9.71 -3.30 -23.84
CA ASP A 120 -10.12 -1.98 -23.42
C ASP A 120 -10.44 -2.01 -21.93
N VAL A 121 -9.95 -1.01 -21.20
CA VAL A 121 -10.09 -0.94 -19.77
C VAL A 121 -10.94 0.27 -19.43
N ASP A 122 -11.93 0.07 -18.57
CA ASP A 122 -12.84 1.15 -18.23
C ASP A 122 -12.30 2.04 -17.11
N VAL A 123 -11.63 1.45 -16.12
CA VAL A 123 -11.29 2.14 -14.88
C VAL A 123 -9.90 1.68 -14.41
N TYR A 124 -9.03 2.64 -14.11
CA TYR A 124 -7.76 2.36 -13.45
C TYR A 124 -7.92 2.53 -11.94
N ILE A 125 -7.39 1.58 -11.18
CA ILE A 125 -7.08 1.85 -9.77
C ILE A 125 -5.56 1.72 -9.62
N PRO A 126 -4.82 2.80 -9.76
CA PRO A 126 -3.36 2.70 -9.69
C PRO A 126 -2.87 2.62 -8.25
N GLY A 127 -1.63 2.13 -8.11
CA GLY A 127 -1.01 2.01 -6.81
C GLY A 127 -0.36 0.65 -6.66
N CYS A 128 0.77 0.63 -5.96
CA CYS A 128 1.45 -0.62 -5.63
C CYS A 128 2.06 -0.45 -4.24
N PRO A 129 1.36 -0.91 -3.19
CA PRO A 129 0.03 -1.53 -3.30
C PRO A 129 -1.08 -0.46 -3.49
N PRO A 130 -2.19 -0.84 -4.13
CA PRO A 130 -3.34 0.08 -4.20
C PRO A 130 -3.94 0.28 -2.82
N SER A 131 -4.42 1.49 -2.56
CA SER A 131 -4.98 1.78 -1.24
C SER A 131 -6.33 1.07 -1.04
N PRO A 132 -6.53 0.34 0.05
CA PRO A 132 -7.84 -0.26 0.33
C PRO A 132 -9.00 0.71 0.14
N GLU A 133 -8.86 1.94 0.63
CA GLU A 133 -9.93 2.92 0.56
C GLU A 133 -10.34 3.20 -0.88
N LEU A 134 -9.37 3.31 -1.80
CA LEU A 134 -9.70 3.55 -3.19
C LEU A 134 -10.50 2.39 -3.78
N ILE A 135 -10.09 1.15 -3.48
CA ILE A 135 -10.78 -0.01 -4.04
C ILE A 135 -12.21 -0.05 -3.53
N ARG A 136 -12.38 0.21 -2.23
CA ARG A 136 -13.70 0.34 -1.62
C ARG A 136 -14.53 1.44 -2.30
N ASN A 137 -13.97 2.64 -2.45
CA ASN A 137 -14.73 3.71 -3.10
C ASN A 137 -15.18 3.31 -4.50
N VAL A 138 -14.33 2.61 -5.25
CA VAL A 138 -14.68 2.26 -6.61
C VAL A 138 -15.79 1.21 -6.63
N ALA A 139 -15.71 0.22 -5.72
CA ALA A 139 -16.77 -0.77 -5.61
C ALA A 139 -18.09 -0.12 -5.25
N VAL A 140 -18.09 0.74 -4.24
CA VAL A 140 -19.33 1.36 -3.81
C VAL A 140 -19.91 2.20 -4.94
N MET A 141 -19.07 3.00 -5.59
CA MET A 141 -19.54 3.88 -6.66
C MET A 141 -20.00 3.09 -7.87
N ALA A 142 -19.36 1.96 -8.16
CA ALA A 142 -19.80 1.10 -9.25
C ALA A 142 -21.20 0.58 -8.98
N TYR A 143 -21.47 0.17 -7.74
CA TYR A 143 -22.82 -0.20 -7.36
C TYR A 143 -23.79 0.95 -7.58
N LEU A 144 -23.50 2.13 -6.99
CA LEU A 144 -24.38 3.29 -7.18
C LEU A 144 -24.62 3.61 -8.65
N LEU A 145 -23.62 3.36 -9.50
CA LEU A 145 -23.77 3.62 -10.93
C LEU A 145 -24.71 2.64 -11.59
N LEU A 146 -25.01 1.52 -10.93
CA LEU A 146 -25.80 0.46 -11.55
C LEU A 146 -27.06 0.12 -10.79
N GLU A 147 -27.32 0.76 -9.65
CA GLU A 147 -28.44 0.36 -8.81
C GLU A 147 -28.95 1.55 -8.00
N GLY A 148 -28.42 2.74 -8.28
CA GLY A 148 -28.82 3.91 -7.51
C GLY A 148 -29.95 4.68 -8.16
N ASN A 149 -30.42 5.71 -7.44
CA ASN A 149 -31.28 6.70 -8.07
C ASN A 149 -30.43 7.54 -9.02
N GLU A 150 -31.06 8.46 -9.75
CA GLU A 150 -30.31 9.23 -10.74
C GLU A 150 -29.30 10.15 -10.10
N GLU A 151 -29.60 10.62 -8.89
CA GLU A 151 -28.68 11.47 -8.14
C GLU A 151 -27.42 10.71 -7.74
N GLN A 152 -27.57 9.42 -7.41
CA GLN A 152 -26.43 8.59 -7.09
C GLN A 152 -25.63 8.25 -8.34
N LYS A 153 -26.31 7.79 -9.40
CA LYS A 153 -25.62 7.44 -10.65
C LYS A 153 -24.89 8.65 -11.23
N GLU A 154 -25.40 9.86 -10.95
CA GLU A 154 -24.69 11.05 -11.40
C GLU A 154 -23.43 11.27 -10.58
N LEU A 155 -23.53 11.14 -9.25
CA LEU A 155 -22.37 11.25 -8.39
C LEU A 155 -21.33 10.22 -8.78
N ALA A 156 -21.74 8.95 -8.86
CA ALA A 156 -20.82 7.87 -9.20
C ALA A 156 -20.09 8.14 -10.50
N GLY A 157 -20.83 8.57 -11.54
CA GLY A 157 -20.18 8.85 -12.81
C GLY A 157 -19.16 9.96 -12.71
N LYS A 158 -19.45 11.00 -11.92
CA LYS A 158 -18.48 12.07 -11.70
C LYS A 158 -17.27 11.59 -10.89
N TYR A 159 -17.50 10.80 -9.84
CA TYR A 159 -16.39 10.25 -9.05
C TYR A 159 -15.44 9.43 -9.92
N LEU A 160 -15.98 8.58 -10.78
CA LEU A 160 -15.13 7.63 -11.49
C LEU A 160 -14.44 8.25 -12.68
N LYS A 161 -14.92 9.40 -13.16
CA LYS A 161 -14.40 10.00 -14.38
C LYS A 161 -12.87 10.12 -14.41
N PRO A 162 -12.20 10.68 -13.40
CA PRO A 162 -10.73 10.75 -13.48
C PRO A 162 -10.07 9.38 -13.56
N LEU A 163 -10.65 8.36 -12.92
CA LEU A 163 -10.08 7.03 -13.01
C LEU A 163 -10.31 6.44 -14.39
N MET A 164 -11.40 6.84 -15.06
CA MET A 164 -11.62 6.42 -16.44
C MET A 164 -10.72 7.19 -17.39
N ASP A 165 -10.54 8.49 -17.13
CA ASP A 165 -9.57 9.28 -17.91
C ASP A 165 -8.17 8.67 -17.82
N LEU A 166 -7.73 8.24 -16.62
CA LEU A 166 -6.41 7.60 -16.51
C LEU A 166 -6.34 6.38 -17.42
N ALA A 167 -7.42 5.59 -17.47
CA ALA A 167 -7.41 4.40 -18.34
C ALA A 167 -7.27 4.78 -19.81
N LYS A 168 -7.85 5.93 -20.20
CA LYS A 168 -7.73 6.35 -21.59
C LYS A 168 -6.40 7.03 -21.88
N ARG A 169 -5.69 7.50 -20.85
CA ARG A 169 -4.46 8.25 -21.08
C ARG A 169 -3.35 7.35 -21.61
N GLY A 170 -3.19 6.15 -21.06
CA GLY A 170 -2.18 5.24 -21.54
C GLY A 170 -1.93 4.13 -20.53
N THR A 171 -0.88 3.36 -20.80
CA THR A 171 -0.55 2.19 -20.00
C THR A 171 0.85 2.28 -19.40
N SER A 172 1.36 3.49 -19.23
CA SER A 172 2.70 3.68 -18.70
C SER A 172 2.66 4.52 -17.42
N GLY A 173 3.50 4.14 -16.47
CA GLY A 173 3.65 4.82 -15.19
C GLY A 173 5.11 4.89 -14.79
N CYS A 174 5.57 6.03 -14.31
CA CYS A 174 7.00 6.20 -13.93
C CYS A 174 7.18 7.51 -13.18
N PHE A 175 8.34 7.71 -12.55
CA PHE A 175 8.68 9.02 -11.94
C PHE A 175 8.64 10.12 -12.99
N CYS A 176 9.09 9.83 -14.21
CA CYS A 176 9.11 10.75 -15.36
C CYS A 176 7.74 11.40 -15.65
N ASP A 177 6.61 10.73 -15.37
CA ASP A 177 5.28 11.36 -15.48
C ASP A 177 5.31 12.72 -14.82
N LEU A 178 5.97 12.86 -13.65
CA LEU A 178 6.00 14.15 -12.99
C LEU A 178 6.79 15.18 -13.77
N MET A 179 7.76 14.72 -14.55
CA MET A 179 8.51 15.63 -15.42
C MET A 179 7.68 15.95 -16.66
N TYR A 180 7.47 14.96 -17.51
CA TYR A 180 6.69 15.10 -18.74
C TYR A 180 5.43 15.94 -18.55
N ASP A 181 4.59 15.58 -17.59
CA ASP A 181 3.21 16.07 -17.55
C ASP A 181 2.91 17.03 -16.42
N VAL A 182 3.87 17.36 -15.56
CA VAL A 182 3.58 18.28 -14.46
C VAL A 182 4.63 19.40 -14.46
N ILE A 183 5.88 19.09 -14.07
CA ILE A 183 6.92 20.11 -14.04
C ILE A 183 7.12 20.71 -15.43
N ASN A 184 7.32 19.84 -16.44
CA ASN A 184 7.56 20.32 -17.81
C ASN A 184 6.36 21.06 -18.38
N GLN A 185 5.17 20.87 -17.82
CA GLN A 185 3.94 21.54 -18.25
C GLN A 185 3.68 22.86 -17.53
N GLY A 186 4.58 23.30 -16.66
CA GLY A 186 4.30 24.49 -15.87
C GLY A 186 3.26 24.29 -14.79
N LEU A 187 3.02 23.05 -14.34
CA LEU A 187 1.96 22.83 -13.37
C LEU A 187 2.44 22.49 -11.95
N CYS A 188 3.71 22.19 -11.74
CA CYS A 188 4.13 21.77 -10.40
C CYS A 188 4.12 22.96 -9.47
N MET A 189 3.52 22.79 -8.29
CA MET A 189 3.54 23.85 -7.26
C MET A 189 4.20 23.40 -5.96
N GLY A 190 4.96 22.28 -5.98
CA GLY A 190 5.88 22.03 -4.86
C GLY A 190 5.23 21.48 -3.60
N CYS A 191 4.02 20.94 -3.70
CA CYS A 191 3.29 20.49 -2.52
C CYS A 191 3.96 19.30 -1.83
N GLY A 192 4.70 18.48 -2.58
CA GLY A 192 5.37 17.30 -2.04
C GLY A 192 4.53 16.03 -1.97
N THR A 193 3.31 16.02 -2.52
CA THR A 193 2.44 14.85 -2.40
C THR A 193 3.07 13.63 -3.07
N CYS A 194 3.68 13.82 -4.24
CA CYS A 194 4.33 12.71 -4.94
C CYS A 194 5.29 11.97 -4.02
N ALA A 195 6.08 12.71 -3.24
CA ALA A 195 7.03 12.10 -2.33
C ALA A 195 6.35 11.23 -1.28
N ALA A 196 5.19 11.66 -0.77
CA ALA A 196 4.50 10.85 0.24
C ALA A 196 3.94 9.58 -0.38
N SER A 197 3.46 9.66 -1.63
CA SER A 197 2.83 8.51 -2.23
C SER A 197 3.83 7.45 -2.72
N CYS A 198 5.09 7.83 -2.99
CA CYS A 198 6.00 6.88 -3.60
C CYS A 198 6.23 5.71 -2.66
N PRO A 199 5.96 4.47 -3.07
CA PRO A 199 6.17 3.33 -2.14
C PRO A 199 7.62 2.97 -1.89
N VAL A 200 8.57 3.44 -2.69
CA VAL A 200 9.97 3.04 -2.50
C VAL A 200 10.88 4.19 -2.08
N HIS A 201 10.31 5.34 -1.69
CA HIS A 201 11.12 6.52 -1.33
C HIS A 201 12.05 6.94 -2.47
N ALA A 202 11.56 6.91 -3.71
CA ALA A 202 12.41 7.33 -4.81
C ALA A 202 12.35 8.83 -5.06
N ILE A 203 11.48 9.56 -4.36
CA ILE A 203 11.25 10.97 -4.63
C ILE A 203 11.65 11.78 -3.41
N THR A 204 12.51 12.77 -3.62
CA THR A 204 12.81 13.79 -2.64
C THR A 204 12.46 15.14 -3.27
N LEU A 205 12.36 16.16 -2.45
CA LEU A 205 12.14 17.50 -3.03
C LEU A 205 13.37 18.34 -2.73
N GLU A 206 13.92 18.94 -3.76
CA GLU A 206 15.10 19.80 -3.62
C GLU A 206 14.71 21.21 -4.01
N PHE A 207 14.83 22.13 -3.05
CA PHE A 207 14.32 23.48 -3.23
C PHE A 207 12.88 23.46 -3.75
N GLY A 208 12.06 22.61 -3.15
CA GLY A 208 10.65 22.60 -3.49
C GLY A 208 10.30 21.90 -4.78
N LYS A 209 11.25 21.20 -5.40
CA LYS A 209 10.95 20.57 -6.68
C LYS A 209 11.31 19.09 -6.67
N PRO A 210 10.51 18.24 -7.33
CA PRO A 210 10.75 16.78 -7.32
C PRO A 210 12.10 16.37 -7.91
N GLN A 211 12.72 15.41 -7.25
CA GLN A 211 13.99 14.79 -7.64
C GLN A 211 13.80 13.27 -7.58
N GLY A 212 13.91 12.62 -8.73
CA GLY A 212 13.58 11.22 -8.85
C GLY A 212 14.81 10.33 -8.93
N GLU A 213 14.84 9.33 -8.06
CA GLU A 213 15.85 8.29 -8.15
C GLU A 213 15.30 7.24 -9.09
N ARG A 214 15.53 7.46 -10.38
CA ARG A 214 14.96 6.60 -11.44
C ARG A 214 15.44 5.15 -11.33
N ASP A 215 16.58 4.88 -10.70
CA ASP A 215 16.95 3.47 -10.63
C ASP A 215 16.44 2.78 -9.37
N LEU A 216 15.70 3.52 -8.53
CA LEU A 216 14.89 2.99 -7.44
C LEU A 216 13.42 2.81 -7.84
N CYS A 217 12.86 3.78 -8.56
CA CYS A 217 11.50 3.73 -9.10
C CYS A 217 11.18 2.38 -9.74
N ILE A 218 10.08 1.77 -9.31
CA ILE A 218 9.59 0.51 -9.87
C ILE A 218 8.42 0.70 -10.86
N LYS A 219 8.26 1.93 -11.37
CA LYS A 219 7.32 2.24 -12.48
C LYS A 219 5.88 1.84 -12.18
N CYS A 220 5.35 2.35 -11.09
CA CYS A 220 4.02 2.04 -10.61
C CYS A 220 2.99 3.11 -10.94
N GLY A 221 3.42 4.32 -11.32
CA GLY A 221 2.47 5.33 -11.69
C GLY A 221 1.75 5.99 -10.54
N SER A 222 2.11 5.67 -9.30
CA SER A 222 1.42 6.24 -8.15
C SER A 222 1.61 7.74 -8.09
N CYS A 223 2.83 8.24 -8.36
CA CYS A 223 3.11 9.63 -7.99
C CYS A 223 2.30 10.59 -8.85
N TYR A 224 2.23 10.33 -10.15
CA TYR A 224 1.39 11.17 -11.00
C TYR A 224 -0.08 11.06 -10.61
N GLY A 225 -0.56 9.84 -10.36
CA GLY A 225 -1.91 9.69 -9.84
C GLY A 225 -2.20 10.57 -8.65
N ALA A 226 -1.37 10.46 -7.62
CA ALA A 226 -1.61 11.22 -6.40
C ALA A 226 -1.40 12.71 -6.58
N CYS A 227 -0.58 13.12 -7.54
CA CYS A 227 -0.28 14.54 -7.73
C CYS A 227 -1.58 15.33 -7.92
N PRO A 228 -1.81 16.41 -7.15
CA PRO A 228 -3.01 17.22 -7.34
C PRO A 228 -2.98 18.13 -8.56
N ARG A 229 -1.96 17.99 -9.40
CA ARG A 229 -1.95 18.68 -10.69
C ARG A 229 -1.93 17.67 -11.83
N SER A 230 -2.30 16.43 -11.56
CA SER A 230 -2.58 15.52 -12.67
C SER A 230 -4.03 15.73 -13.07
N PHE A 231 -4.95 15.06 -12.38
CA PHE A 231 -6.35 15.43 -12.41
C PHE A 231 -6.67 16.13 -11.09
N PHE A 232 -7.42 17.23 -11.18
CA PHE A 232 -8.06 17.81 -10.00
C PHE A 232 -9.49 18.21 -10.38
N ASN A 233 -10.46 17.29 -10.17
CA ASN A 233 -11.86 17.49 -10.59
C ASN A 233 -12.59 18.23 -9.47
N LEU A 234 -12.66 19.55 -9.60
CA LEU A 234 -13.15 20.40 -8.51
C LEU A 234 -14.58 20.05 -8.12
N ASP A 235 -15.43 19.65 -9.08
CA ASP A 235 -16.83 19.33 -8.76
C ASP A 235 -16.93 18.24 -7.71
N VAL A 236 -16.07 17.22 -7.80
CA VAL A 236 -16.07 16.14 -6.79
C VAL A 236 -15.29 16.58 -5.53
N ILE A 237 -14.04 17.01 -5.70
CA ILE A 237 -13.14 17.11 -4.56
C ILE A 237 -13.55 18.22 -3.61
N SER A 238 -14.13 19.32 -4.13
CA SER A 238 -14.64 20.37 -3.25
C SER A 238 -15.78 19.90 -2.38
N GLU A 239 -16.52 18.87 -2.80
CA GLU A 239 -17.57 18.26 -1.99
C GLU A 239 -17.03 17.12 -1.13
N PHE A 240 -15.81 17.26 -0.61
CA PHE A 240 -15.19 16.15 0.09
C PHE A 240 -15.99 15.75 1.33
N GLU A 241 -16.54 16.73 2.07
CA GLU A 241 -17.26 16.40 3.30
C GLU A 241 -18.51 15.58 3.00
N ASN A 242 -19.28 15.99 1.99
CA ASN A 242 -20.51 15.30 1.63
C ASN A 242 -20.22 13.92 1.05
N ILE A 243 -19.24 13.82 0.14
CA ILE A 243 -18.94 12.53 -0.47
C ILE A 243 -18.40 11.57 0.58
N SER A 244 -17.69 12.10 1.57
CA SER A 244 -17.19 11.24 2.64
C SER A 244 -18.34 10.71 3.47
N GLU A 245 -19.32 11.57 3.79
CA GLU A 245 -20.46 11.14 4.58
C GLU A 245 -21.29 10.10 3.83
N ILE A 246 -21.44 10.29 2.52
CA ILE A 246 -22.19 9.34 1.70
C ILE A 246 -21.52 7.97 1.74
N ILE A 247 -20.18 7.93 1.56
CA ILE A 247 -19.50 6.64 1.57
C ILE A 247 -19.59 5.98 2.94
N ALA A 248 -19.41 6.77 4.01
CA ALA A 248 -19.50 6.20 5.35
C ALA A 248 -20.88 5.59 5.58
N LYS A 249 -21.94 6.34 5.25
CA LYS A 249 -23.29 5.84 5.46
C LYS A 249 -23.52 4.53 4.72
N ALA A 250 -22.97 4.42 3.51
CA ALA A 250 -23.11 3.18 2.75
C ALA A 250 -22.39 2.00 3.42
N LEU A 251 -21.45 2.25 4.31
CA LEU A 251 -20.77 1.16 4.98
C LEU A 251 -21.25 0.93 6.40
N LYS A 252 -22.23 1.71 6.86
CA LYS A 252 -22.61 1.75 8.27
C LYS A 252 -23.45 0.53 8.65
N ASP A 253 -23.46 0.24 9.95
CA ASP A 253 -24.26 -0.85 10.51
C ASP A 253 -25.39 -0.32 11.37
N THR B 2 -4.41 -47.67 -14.13
CA THR B 2 -4.07 -46.25 -14.02
C THR B 2 -4.86 -45.36 -14.97
N LYS B 3 -5.45 -44.31 -14.43
CA LYS B 3 -6.04 -43.26 -15.24
C LYS B 3 -5.43 -41.92 -14.84
N VAL B 4 -5.64 -40.91 -15.68
CA VAL B 4 -5.09 -39.58 -15.47
C VAL B 4 -6.24 -38.59 -15.40
N VAL B 5 -6.39 -37.94 -14.23
CA VAL B 5 -7.34 -36.84 -13.98
C VAL B 5 -6.53 -35.58 -13.65
N GLU B 6 -7.04 -34.42 -14.08
CA GLU B 6 -6.36 -33.15 -13.87
C GLU B 6 -7.30 -32.09 -13.34
N ILE B 7 -6.90 -31.44 -12.23
CA ILE B 7 -7.59 -30.26 -11.70
C ILE B 7 -6.82 -29.01 -12.09
N SER B 8 -7.43 -28.16 -12.90
CA SER B 8 -6.81 -26.91 -13.30
C SER B 8 -7.89 -25.87 -13.49
N PRO B 9 -7.83 -24.73 -12.77
CA PRO B 9 -6.80 -24.39 -11.78
C PRO B 9 -7.13 -24.91 -10.38
N THR B 10 -6.13 -24.94 -9.48
CA THR B 10 -6.40 -25.10 -8.05
C THR B 10 -7.05 -23.84 -7.48
N THR B 11 -7.60 -23.96 -6.27
CA THR B 11 -8.26 -22.81 -5.67
C THR B 11 -8.03 -22.80 -4.18
N ARG B 12 -8.38 -21.67 -3.58
CA ARG B 12 -8.11 -21.36 -2.18
C ARG B 12 -6.65 -21.67 -1.82
N LEU B 13 -5.76 -21.11 -2.65
CA LEU B 13 -4.35 -20.90 -2.37
C LEU B 13 -3.96 -19.63 -3.12
N GLU B 14 -2.70 -19.19 -2.99
CA GLU B 14 -2.26 -18.01 -3.72
C GLU B 14 -1.77 -18.40 -5.11
N GLY B 15 -2.22 -17.69 -6.14
CA GLY B 15 -1.66 -17.89 -7.47
C GLY B 15 -2.17 -19.11 -8.23
N HIS B 16 -1.43 -19.49 -9.28
CA HIS B 16 -1.97 -20.30 -10.37
C HIS B 16 -1.21 -21.61 -10.52
N SER B 17 -1.84 -22.73 -10.11
CA SER B 17 -1.25 -24.05 -10.31
C SER B 17 -2.32 -25.05 -10.75
N LYS B 18 -1.89 -26.30 -10.99
CA LYS B 18 -2.82 -27.38 -11.29
C LYS B 18 -2.25 -28.69 -10.74
N LEU B 19 -3.13 -29.69 -10.63
CA LEU B 19 -2.78 -31.04 -10.19
C LEU B 19 -2.98 -32.03 -11.34
N THR B 20 -1.91 -32.69 -11.76
CA THR B 20 -1.97 -33.71 -12.81
C THR B 20 -1.73 -35.05 -12.13
N LEU B 21 -2.79 -35.88 -12.05
CA LEU B 21 -2.84 -37.02 -11.14
C LEU B 21 -3.09 -38.33 -11.88
N LYS B 22 -2.19 -39.30 -11.67
CA LYS B 22 -2.43 -40.69 -12.03
C LYS B 22 -3.06 -41.39 -10.84
N VAL B 23 -4.21 -42.06 -11.07
CA VAL B 23 -5.00 -42.70 -10.02
C VAL B 23 -5.25 -44.16 -10.36
N ASN B 24 -5.44 -44.97 -9.29
CA ASN B 24 -5.77 -46.36 -9.42
C ASN B 24 -7.27 -46.50 -9.74
N ASP B 25 -7.74 -47.74 -9.85
CA ASP B 25 -9.14 -48.00 -10.18
C ASP B 25 -10.12 -47.52 -9.10
N GLN B 26 -9.66 -47.23 -7.89
CA GLN B 26 -10.52 -46.66 -6.86
C GLN B 26 -10.46 -45.13 -6.81
N GLY B 27 -9.70 -44.50 -7.70
CA GLY B 27 -9.53 -43.07 -7.61
C GLY B 27 -8.52 -42.60 -6.58
N ILE B 28 -7.65 -43.49 -6.11
CA ILE B 28 -6.59 -43.10 -5.17
C ILE B 28 -5.35 -42.71 -5.96
N VAL B 29 -4.75 -41.57 -5.62
CA VAL B 29 -3.54 -41.14 -6.32
C VAL B 29 -2.44 -42.18 -6.19
N GLU B 30 -1.90 -42.60 -7.34
CA GLU B 30 -0.70 -43.45 -7.38
C GLU B 30 0.57 -42.61 -7.45
N ARG B 31 0.57 -41.61 -8.31
CA ARG B 31 1.65 -40.66 -8.45
C ARG B 31 1.01 -39.37 -8.91
N GLY B 32 1.13 -38.29 -8.14
CA GLY B 32 0.57 -37.01 -8.52
C GLY B 32 1.64 -35.93 -8.64
N ASP B 33 1.43 -35.01 -9.57
CA ASP B 33 2.27 -33.84 -9.78
C ASP B 33 1.45 -32.59 -9.54
N TRP B 34 1.85 -31.81 -8.55
CA TRP B 34 1.37 -30.46 -8.33
C TRP B 34 2.43 -29.53 -8.90
N LEU B 35 2.03 -28.64 -9.83
CA LEU B 35 2.99 -27.81 -10.54
C LEU B 35 2.45 -26.39 -10.72
N SER B 36 3.39 -25.43 -10.66
CA SER B 36 3.10 -24.05 -11.03
C SER B 36 2.83 -23.96 -12.52
N ILE B 37 1.81 -23.18 -12.89
CA ILE B 37 1.62 -22.77 -14.28
C ILE B 37 1.50 -21.25 -14.29
N THR B 38 2.07 -20.60 -13.26
CA THR B 38 2.15 -19.13 -13.19
C THR B 38 3.29 -18.65 -14.08
N PRO B 39 3.07 -17.66 -14.97
CA PRO B 39 4.17 -17.18 -15.81
C PRO B 39 5.37 -16.73 -14.97
N VAL B 40 6.57 -16.99 -15.49
CA VAL B 40 7.82 -16.67 -14.82
C VAL B 40 8.12 -15.20 -15.09
N ARG B 41 7.92 -14.34 -14.10
CA ARG B 41 8.29 -12.94 -14.26
C ARG B 41 9.81 -12.73 -14.29
N GLY B 42 10.58 -13.67 -13.75
CA GLY B 42 12.01 -13.72 -13.94
C GLY B 42 12.80 -12.73 -13.10
N ILE B 43 12.47 -12.63 -11.81
CA ILE B 43 13.10 -11.63 -10.95
C ILE B 43 14.60 -11.87 -10.81
N GLU B 44 15.04 -13.13 -10.77
CA GLU B 44 16.47 -13.40 -10.61
C GLU B 44 17.29 -12.86 -11.78
N LYS B 45 16.80 -13.02 -13.03
CA LYS B 45 17.55 -12.56 -14.19
C LYS B 45 17.42 -11.06 -14.38
N LEU B 46 16.23 -10.48 -14.16
CA LEU B 46 16.13 -9.03 -14.35
C LEU B 46 16.90 -8.24 -13.29
N ALA B 47 17.20 -8.88 -12.15
CA ALA B 47 18.00 -8.22 -11.11
C ALA B 47 19.43 -7.91 -11.55
N ILE B 48 19.98 -8.62 -12.53
CA ILE B 48 21.41 -8.49 -12.79
C ILE B 48 21.72 -7.12 -13.39
N GLY B 49 22.67 -6.41 -12.77
CA GLY B 49 23.02 -5.05 -13.15
C GLY B 49 22.26 -4.00 -12.38
N LYS B 50 21.19 -4.38 -11.72
CA LYS B 50 20.44 -3.33 -11.04
C LYS B 50 21.12 -3.01 -9.70
N THR B 51 20.67 -1.92 -9.05
CA THR B 51 21.32 -1.51 -7.82
C THR B 51 20.86 -2.39 -6.68
N MET B 52 21.74 -2.52 -5.67
CA MET B 52 21.37 -3.34 -4.52
C MET B 52 20.23 -2.71 -3.73
N GLU B 53 19.98 -1.40 -3.88
CA GLU B 53 18.81 -0.79 -3.26
C GLU B 53 17.52 -1.16 -3.98
N GLN B 54 17.55 -1.25 -5.32
CA GLN B 54 16.30 -1.51 -6.02
C GLN B 54 15.85 -2.95 -5.89
N VAL B 55 16.79 -3.88 -6.01
CA VAL B 55 16.41 -5.29 -6.13
C VAL B 55 15.52 -5.76 -5.00
N PRO B 56 15.74 -5.39 -3.73
CA PRO B 56 14.80 -5.87 -2.69
C PRO B 56 13.38 -5.32 -2.83
N LYS B 57 13.23 -4.10 -3.33
CA LYS B 57 11.91 -3.53 -3.56
C LYS B 57 11.23 -4.15 -4.77
N ILE B 58 12.00 -4.64 -5.75
CA ILE B 58 11.40 -5.42 -6.83
C ILE B 58 11.00 -6.80 -6.30
N ALA B 59 11.92 -7.46 -5.60
CA ALA B 59 11.65 -8.79 -5.05
C ALA B 59 10.43 -8.78 -4.13
N SER B 60 10.21 -7.68 -3.43
CA SER B 60 9.01 -7.57 -2.61
C SER B 60 7.78 -7.89 -3.43
N ARG B 61 7.74 -7.38 -4.66
CA ARG B 61 6.58 -7.49 -5.52
C ARG B 61 6.46 -8.86 -6.15
N VAL B 62 7.28 -9.81 -5.69
CA VAL B 62 7.03 -11.21 -6.00
C VAL B 62 5.68 -11.63 -5.41
N CYS B 63 5.34 -11.13 -4.22
CA CYS B 63 4.17 -11.62 -3.49
C CYS B 63 3.68 -10.58 -2.48
N GLY B 64 2.38 -10.31 -2.51
CA GLY B 64 1.78 -9.35 -1.61
C GLY B 64 1.20 -9.92 -0.33
N ILE B 65 1.23 -11.24 -0.17
CA ILE B 65 0.92 -11.82 1.13
C ILE B 65 2.16 -11.85 2.00
N CYS B 66 3.31 -12.23 1.42
CA CYS B 66 4.55 -12.30 2.18
C CYS B 66 5.63 -11.33 1.68
N PRO B 67 5.32 -10.07 1.34
CA PRO B 67 6.38 -9.17 0.83
C PRO B 67 7.47 -8.88 1.87
N ILE B 68 7.13 -8.95 3.16
CA ILE B 68 8.12 -8.82 4.21
C ILE B 68 9.22 -9.85 4.01
N ALA B 69 8.84 -11.09 3.68
CA ALA B 69 9.84 -12.16 3.51
C ALA B 69 10.87 -11.79 2.44
N HIS B 70 10.42 -11.28 1.29
CA HIS B 70 11.35 -11.03 0.21
C HIS B 70 12.11 -9.72 0.42
N THR B 71 11.42 -8.71 0.96
CA THR B 71 12.08 -7.46 1.31
C THR B 71 13.23 -7.71 2.26
N LEU B 72 12.97 -8.43 3.36
CA LEU B 72 14.03 -8.71 4.34
C LEU B 72 15.08 -9.68 3.79
N ALA B 73 14.67 -10.79 3.14
CA ALA B 73 15.67 -11.75 2.69
C ALA B 73 16.57 -11.15 1.63
N SER B 74 15.99 -10.33 0.73
CA SER B 74 16.79 -9.69 -0.30
C SER B 74 17.72 -8.64 0.29
N THR B 75 17.20 -7.75 1.13
CA THR B 75 18.03 -6.74 1.77
C THR B 75 19.18 -7.40 2.54
N GLU B 76 18.86 -8.45 3.31
CA GLU B 76 19.89 -9.05 4.14
C GLU B 76 20.86 -9.88 3.32
N ALA B 77 20.44 -10.38 2.15
CA ALA B 77 21.41 -10.97 1.22
C ALA B 77 22.39 -9.93 0.72
N MET B 78 21.90 -8.73 0.39
CA MET B 78 22.82 -7.66 -0.02
C MET B 78 23.75 -7.31 1.14
N GLU B 79 23.20 -7.16 2.34
CA GLU B 79 24.04 -6.82 3.49
C GLU B 79 25.09 -7.89 3.76
N ALA B 80 24.72 -9.17 3.56
CA ALA B 80 25.67 -10.27 3.74
C ALA B 80 26.74 -10.27 2.67
N SER B 81 26.38 -9.92 1.42
CA SER B 81 27.39 -9.89 0.35
C SER B 81 28.41 -8.77 0.57
N ILE B 82 27.96 -7.62 1.03
CA ILE B 82 28.87 -6.47 1.15
C ILE B 82 29.50 -6.40 2.53
N GLY B 83 29.02 -7.18 3.49
CA GLY B 83 29.59 -7.15 4.82
C GLY B 83 29.11 -5.95 5.63
N CYS B 84 27.82 -5.69 5.64
CA CYS B 84 27.25 -4.56 6.36
C CYS B 84 26.52 -5.07 7.59
N GLU B 85 26.92 -4.59 8.76
CA GLU B 85 26.29 -4.93 10.03
C GLU B 85 25.31 -3.82 10.44
N ILE B 86 24.02 -4.16 10.50
CA ILE B 86 23.02 -3.12 10.73
C ILE B 86 22.84 -2.87 12.23
N PRO B 87 22.34 -1.71 12.64
CA PRO B 87 22.20 -1.42 14.07
C PRO B 87 21.11 -2.24 14.76
N THR B 88 21.27 -2.39 16.08
CA THR B 88 20.33 -3.20 16.85
C THR B 88 18.89 -2.75 16.66
N ASP B 89 18.64 -1.45 16.71
CA ASP B 89 17.24 -1.04 16.69
C ASP B 89 16.63 -1.24 15.31
N ALA B 90 17.46 -1.22 14.27
CA ALA B 90 16.98 -1.64 12.96
C ALA B 90 16.58 -3.11 12.99
N LYS B 91 17.41 -3.98 13.58
CA LYS B 91 17.08 -5.41 13.65
C LYS B 91 15.78 -5.63 14.44
N LEU B 92 15.61 -4.93 15.57
CA LEU B 92 14.41 -5.09 16.36
C LEU B 92 13.18 -4.68 15.56
N LEU B 93 13.27 -3.59 14.79
CA LEU B 93 12.12 -3.18 13.99
C LEU B 93 11.83 -4.20 12.91
N ARG B 94 12.88 -4.84 12.34
CA ARG B 94 12.66 -5.84 11.30
C ARG B 94 11.94 -7.07 11.87
N ILE B 95 12.33 -7.51 13.07
CA ILE B 95 11.70 -8.66 13.70
C ILE B 95 10.23 -8.37 14.02
N ILE B 96 9.92 -7.15 14.46
CA ILE B 96 8.53 -6.76 14.75
C ILE B 96 7.70 -6.84 13.46
N LEU B 97 8.23 -6.27 12.38
CA LEU B 97 7.64 -6.36 11.05
C LEU B 97 7.42 -7.83 10.63
N HIS B 98 8.46 -8.65 10.77
CA HIS B 98 8.38 -10.07 10.45
C HIS B 98 7.30 -10.80 11.25
N ALA B 99 7.28 -10.60 12.58
CA ALA B 99 6.33 -11.33 13.41
C ALA B 99 4.90 -10.90 13.08
N ALA B 100 4.67 -9.59 12.91
CA ALA B 100 3.34 -9.11 12.56
C ALA B 100 2.86 -9.71 11.25
N ASN B 101 3.74 -9.78 10.24
CA ASN B 101 3.28 -10.34 8.98
C ASN B 101 2.95 -11.82 9.13
N ARG B 102 3.66 -12.56 9.99
CA ARG B 102 3.32 -13.98 10.15
C ARG B 102 1.90 -14.14 10.69
N ILE B 103 1.47 -13.26 11.62
CA ILE B 103 0.10 -13.26 12.13
C ILE B 103 -0.90 -13.09 10.99
N HIS B 104 -0.75 -12.01 10.21
CA HIS B 104 -1.71 -11.74 9.16
C HIS B 104 -1.77 -12.89 8.15
N SER B 105 -0.63 -13.50 7.86
CA SER B 105 -0.58 -14.56 6.86
C SER B 105 -1.26 -15.82 7.37
N HIS B 106 -0.99 -16.21 8.62
CA HIS B 106 -1.59 -17.45 9.11
C HIS B 106 -3.09 -17.27 9.23
N ALA B 107 -3.52 -16.06 9.58
CA ALA B 107 -4.95 -15.77 9.70
C ALA B 107 -5.63 -15.71 8.33
N LEU B 108 -4.98 -15.12 7.33
CA LEU B 108 -5.51 -15.21 5.97
C LEU B 108 -5.68 -16.65 5.54
N HIS B 109 -4.70 -17.51 5.88
CA HIS B 109 -4.78 -18.92 5.51
C HIS B 109 -5.93 -19.65 6.21
N ASN B 110 -6.25 -19.28 7.46
CA ASN B 110 -7.49 -19.76 8.08
C ASN B 110 -8.69 -19.55 7.17
N ILE B 111 -8.76 -18.40 6.50
CA ILE B 111 -9.89 -18.11 5.64
C ILE B 111 -9.94 -19.09 4.49
N LEU B 112 -8.78 -19.45 3.95
CA LEU B 112 -8.74 -20.30 2.77
C LEU B 112 -9.01 -21.76 3.05
N ILE B 113 -8.76 -22.22 4.26
CA ILE B 113 -8.82 -23.66 4.49
C ILE B 113 -10.11 -24.10 5.17
N LEU B 114 -10.71 -23.21 5.97
CA LEU B 114 -11.95 -23.48 6.71
C LEU B 114 -13.11 -24.01 5.85
N PRO B 115 -13.30 -23.56 4.60
CA PRO B 115 -14.39 -24.16 3.79
C PRO B 115 -14.27 -25.67 3.62
N ASP B 116 -13.06 -26.23 3.72
CA ASP B 116 -12.90 -27.67 3.70
C ASP B 116 -13.18 -28.32 5.04
N PHE B 117 -13.40 -27.52 6.08
CA PHE B 117 -13.51 -28.08 7.42
C PHE B 117 -14.94 -28.01 7.92
N TYR B 118 -15.21 -28.79 8.95
CA TYR B 118 -16.55 -29.00 9.48
C TYR B 118 -16.70 -28.30 10.81
N ILE B 119 -17.86 -27.67 11.01
CA ILE B 119 -18.24 -27.22 12.34
C ILE B 119 -18.22 -28.46 13.23
N PRO B 120 -17.43 -28.45 14.30
CA PRO B 120 -17.19 -29.69 15.05
C PRO B 120 -18.49 -30.42 15.44
N GLY B 121 -18.46 -31.73 15.29
CA GLY B 121 -19.59 -32.58 15.62
C GLY B 121 -20.78 -32.51 14.68
N THR B 122 -20.69 -31.78 13.57
CA THR B 122 -21.77 -31.69 12.61
C THR B 122 -21.30 -32.14 11.23
N GLU B 123 -22.26 -32.17 10.30
CA GLU B 123 -22.01 -32.40 8.88
C GLU B 123 -22.11 -31.11 8.09
N LYS B 124 -22.01 -29.97 8.77
CA LYS B 124 -22.03 -28.67 8.09
C LYS B 124 -20.60 -28.14 7.96
N LYS B 125 -20.25 -27.66 6.77
CA LYS B 125 -18.95 -27.04 6.53
C LYS B 125 -19.02 -25.54 6.77
N PHE B 126 -17.88 -24.94 7.16
CA PHE B 126 -17.85 -23.50 7.33
C PHE B 126 -18.07 -22.80 6.00
N ASN B 127 -19.00 -21.85 5.99
CA ASN B 127 -19.16 -20.94 4.86
C ASN B 127 -18.93 -19.55 5.45
N LEU B 128 -17.72 -19.02 5.23
CA LEU B 128 -17.29 -17.76 5.84
C LEU B 128 -17.93 -16.55 5.18
N PHE B 129 -18.35 -16.67 3.93
CA PHE B 129 -19.14 -15.59 3.33
C PHE B 129 -20.43 -15.35 4.11
N ALA B 130 -21.06 -16.43 4.60
CA ALA B 130 -22.46 -16.33 5.01
C ALA B 130 -22.60 -15.59 6.32
N ASN B 131 -23.60 -14.71 6.36
CA ASN B 131 -23.92 -13.94 7.56
C ASN B 131 -24.76 -14.80 8.51
N GLU B 132 -24.12 -15.81 9.07
CA GLU B 132 -24.72 -16.71 10.04
C GLU B 132 -23.67 -17.07 11.08
N GLN B 133 -24.12 -17.65 12.19
CA GLN B 133 -23.16 -18.09 13.17
C GLN B 133 -22.90 -19.59 13.02
N PRO B 134 -21.71 -20.07 13.44
CA PRO B 134 -20.64 -19.29 14.06
C PRO B 134 -19.73 -18.56 13.06
N ALA B 135 -19.93 -18.78 11.75
CA ALA B 135 -19.00 -18.26 10.76
C ALA B 135 -18.75 -16.75 10.95
N ARG B 136 -19.81 -15.97 11.19
CA ARG B 136 -19.62 -14.53 11.18
C ARG B 136 -18.77 -14.08 12.37
N SER B 137 -18.97 -14.68 13.54
N SER B 137 -18.95 -14.70 13.54
CA SER B 137 -18.16 -14.36 14.71
CA SER B 137 -18.13 -14.30 14.67
C SER B 137 -16.69 -14.71 14.46
C SER B 137 -16.68 -14.75 14.52
N VAL B 138 -16.45 -15.82 13.77
CA VAL B 138 -15.10 -16.25 13.46
C VAL B 138 -14.45 -15.29 12.47
N MET B 139 -15.19 -14.94 11.41
CA MET B 139 -14.71 -13.95 10.46
C MET B 139 -14.37 -12.63 11.15
N ALA B 140 -15.19 -12.19 12.12
CA ALA B 140 -14.91 -10.92 12.80
C ALA B 140 -13.59 -10.97 13.55
N ARG B 141 -13.29 -12.10 14.19
CA ARG B 141 -12.02 -12.27 14.94
C ARG B 141 -10.86 -12.26 13.96
N ILE B 142 -10.92 -13.10 12.94
CA ILE B 142 -9.89 -13.14 11.91
C ILE B 142 -9.65 -11.74 11.33
N VAL B 143 -10.73 -11.01 11.06
CA VAL B 143 -10.58 -9.71 10.43
C VAL B 143 -9.87 -8.75 11.37
N ARG B 144 -10.19 -8.81 12.67
CA ARG B 144 -9.51 -7.91 13.58
C ARG B 144 -8.04 -8.33 13.73
N ILE B 145 -7.78 -9.63 13.82
CA ILE B 145 -6.40 -10.12 13.89
C ILE B 145 -5.56 -9.57 12.75
N ARG B 146 -6.05 -9.74 11.50
CA ARG B 146 -5.28 -9.29 10.34
C ARG B 146 -5.14 -7.77 10.33
N GLU B 147 -6.17 -7.06 10.77
CA GLU B 147 -6.08 -5.60 10.83
C GLU B 147 -4.99 -5.15 11.80
N ILE B 148 -4.96 -5.73 13.00
CA ILE B 148 -3.90 -5.43 13.95
C ILE B 148 -2.54 -5.71 13.31
N ALA B 149 -2.40 -6.89 12.69
CA ALA B 149 -1.14 -7.32 12.12
C ALA B 149 -0.66 -6.34 11.06
N GLN B 150 -1.55 -5.97 10.12
CA GLN B 150 -1.16 -5.05 9.07
C GLN B 150 -0.82 -3.69 9.66
N THR B 151 -1.51 -3.29 10.71
CA THR B 151 -1.22 -1.98 11.29
C THR B 151 0.19 -1.94 11.87
N ILE B 152 0.55 -2.97 12.64
CA ILE B 152 1.89 -3.03 13.20
C ILE B 152 2.92 -3.08 12.08
N ALA B 153 2.62 -3.82 11.04
CA ALA B 153 3.54 -3.96 9.94
C ALA B 153 3.76 -2.62 9.27
N ALA B 154 2.68 -1.85 9.12
CA ALA B 154 2.80 -0.54 8.51
C ALA B 154 3.60 0.40 9.40
N ILE B 155 3.50 0.24 10.72
CA ILE B 155 4.17 1.20 11.59
C ILE B 155 5.67 0.92 11.63
N ALA B 156 6.02 -0.36 11.81
CA ALA B 156 7.42 -0.75 11.88
C ALA B 156 8.05 -0.87 10.49
N GLY B 157 7.28 -1.23 9.47
CA GLY B 157 7.85 -1.50 8.15
C GLY B 157 7.57 -0.42 7.11
N GLY B 158 6.84 0.63 7.48
CA GLY B 158 6.52 1.69 6.54
C GLY B 158 5.27 1.40 5.74
N GLU B 159 5.03 0.12 5.40
CA GLU B 159 3.86 -0.24 4.63
C GLU B 159 3.55 -1.71 4.89
N ALA B 160 2.26 -2.06 5.00
CA ALA B 160 1.91 -3.45 5.29
C ALA B 160 2.20 -4.35 4.10
N ILE B 161 1.95 -3.85 2.91
CA ILE B 161 2.22 -4.58 1.67
C ILE B 161 3.33 -3.83 0.95
N HIS B 162 4.50 -4.49 0.78
CA HIS B 162 5.71 -3.93 0.19
C HIS B 162 6.26 -2.88 1.14
N PRO B 163 6.77 -3.33 2.30
CA PRO B 163 7.27 -2.40 3.31
C PRO B 163 8.38 -1.52 2.76
N SER B 164 8.30 -0.24 3.10
CA SER B 164 9.13 0.82 2.58
C SER B 164 10.28 1.19 3.51
N ASN B 165 10.18 0.86 4.79
CA ASN B 165 11.20 1.23 5.76
C ASN B 165 12.53 0.47 5.64
N PRO B 166 12.52 -0.83 5.34
CA PRO B 166 13.81 -1.52 5.15
C PRO B 166 14.64 -0.88 4.06
N ARG B 167 15.95 -0.75 4.31
CA ARG B 167 16.92 -0.28 3.30
C ARG B 167 18.26 -0.95 3.58
N ILE B 168 19.15 -0.97 2.58
CA ILE B 168 20.49 -1.52 2.80
C ILE B 168 21.11 -0.79 4.00
N GLY B 169 21.48 -1.53 5.03
CA GLY B 169 22.06 -0.91 6.22
C GLY B 169 21.11 -0.66 7.36
N GLY B 170 19.82 -0.93 7.19
CA GLY B 170 18.91 -0.93 8.33
C GLY B 170 17.50 -0.49 7.98
N MET B 171 17.11 0.69 8.43
CA MET B 171 15.77 1.23 8.17
C MET B 171 15.87 2.70 7.83
N TYR B 172 14.86 3.20 7.09
CA TYR B 172 14.76 4.64 6.87
C TYR B 172 14.39 5.38 8.14
N HIS B 173 13.56 4.76 8.98
CA HIS B 173 12.97 5.45 10.13
C HIS B 173 12.96 4.57 11.37
N ASN B 174 13.31 5.17 12.51
CA ASN B 174 12.85 4.68 13.80
C ASN B 174 11.43 5.17 14.01
N VAL B 175 10.77 4.64 15.04
CA VAL B 175 9.38 5.00 15.34
C VAL B 175 9.36 5.94 16.55
N SER B 176 8.26 6.67 16.70
CA SER B 176 8.09 7.60 17.81
C SER B 176 7.74 6.86 19.11
N PRO B 177 7.93 7.51 20.28
CA PRO B 177 7.40 6.92 21.53
C PRO B 177 5.92 6.59 21.43
N ARG B 178 5.14 7.46 20.79
CA ARG B 178 3.73 7.13 20.59
C ARG B 178 3.57 5.86 19.76
N ALA B 179 4.28 5.77 18.62
CA ALA B 179 4.15 4.58 17.76
C ALA B 179 4.50 3.31 18.52
N LYS B 180 5.54 3.36 19.35
CA LYS B 180 5.92 2.20 20.14
C LYS B 180 4.80 1.80 21.12
N GLN B 181 4.17 2.77 21.77
CA GLN B 181 3.03 2.45 22.63
C GLN B 181 1.88 1.84 21.82
N LYS B 182 1.61 2.40 20.64
CA LYS B 182 0.53 1.91 19.80
C LYS B 182 0.75 0.45 19.41
N MET B 183 1.96 0.13 18.93
CA MET B 183 2.27 -1.26 18.61
C MET B 183 2.11 -2.17 19.81
N ALA B 184 2.48 -1.71 21.00
CA ALA B 184 2.34 -2.55 22.19
C ALA B 184 0.86 -2.75 22.51
N ASP B 185 0.09 -1.67 22.50
CA ASP B 185 -1.34 -1.76 22.75
C ASP B 185 -1.98 -2.78 21.79
N LEU B 186 -1.63 -2.70 20.51
CA LEU B 186 -2.22 -3.61 19.52
C LEU B 186 -1.77 -5.06 19.72
N ALA B 187 -0.50 -5.26 20.09
CA ALA B 187 -0.03 -6.62 20.32
C ALA B 187 -0.72 -7.23 21.53
N LYS B 188 -0.99 -6.43 22.57
CA LYS B 188 -1.73 -6.96 23.73
C LYS B 188 -3.11 -7.42 23.31
N GLU B 189 -3.83 -6.58 22.56
CA GLU B 189 -5.12 -6.99 22.03
C GLU B 189 -5.00 -8.22 21.14
N CYS B 190 -3.99 -8.24 20.27
CA CYS B 190 -3.84 -9.34 19.31
C CYS B 190 -3.54 -10.66 20.01
N LEU B 191 -2.82 -10.62 21.13
CA LEU B 191 -2.41 -11.86 21.78
C LEU B 191 -3.61 -12.64 22.30
N VAL B 192 -4.54 -11.94 22.93
CA VAL B 192 -5.79 -12.56 23.36
C VAL B 192 -6.54 -13.14 22.16
N LEU B 193 -6.66 -12.37 21.08
CA LEU B 193 -7.39 -12.83 19.90
C LEU B 193 -6.73 -14.05 19.27
N VAL B 194 -5.39 -14.08 19.21
CA VAL B 194 -4.78 -15.20 18.49
C VAL B 194 -4.81 -16.43 19.35
N HIS B 195 -4.77 -16.28 20.69
CA HIS B 195 -4.98 -17.44 21.55
C HIS B 195 -6.37 -18.05 21.32
N GLU B 196 -7.40 -17.20 21.21
CA GLU B 196 -8.76 -17.68 20.90
C GLU B 196 -8.82 -18.34 19.53
N GLN B 197 -8.32 -17.65 18.50
CA GLN B 197 -8.35 -18.24 17.17
C GLN B 197 -7.58 -19.55 17.11
N MET B 198 -6.41 -19.59 17.76
CA MET B 198 -5.63 -20.82 17.75
C MET B 198 -6.42 -21.99 18.35
N GLU B 199 -7.03 -21.77 19.53
CA GLU B 199 -7.78 -22.86 20.17
C GLU B 199 -8.98 -23.26 19.33
N PHE B 200 -9.63 -22.27 18.72
CA PHE B 200 -10.72 -22.58 17.78
C PHE B 200 -10.23 -23.45 16.65
N MET B 201 -9.16 -23.03 15.98
CA MET B 201 -8.65 -23.80 14.83
C MET B 201 -8.22 -25.20 15.23
N LEU B 202 -7.53 -25.35 16.37
CA LEU B 202 -7.04 -26.67 16.76
C LEU B 202 -8.22 -27.61 17.00
N ASP B 203 -9.29 -27.10 17.59
CA ASP B 203 -10.50 -27.90 17.79
C ASP B 203 -11.09 -28.33 16.46
N VAL B 204 -11.20 -27.40 15.51
CA VAL B 204 -11.72 -27.75 14.19
C VAL B 204 -10.86 -28.84 13.54
N ILE B 205 -9.53 -28.68 13.61
CA ILE B 205 -8.63 -29.67 13.03
C ILE B 205 -8.81 -31.02 13.71
N ARG B 206 -8.87 -31.02 15.05
CA ARG B 206 -9.01 -32.26 15.81
C ARG B 206 -10.30 -32.98 15.44
N ASN B 207 -11.40 -32.23 15.25
CA ASN B 207 -12.62 -32.79 14.68
C ASN B 207 -12.37 -33.41 13.29
N MET B 208 -11.55 -32.75 12.46
CA MET B 208 -11.29 -33.33 11.14
C MET B 208 -10.56 -34.69 11.28
N GLN B 209 -9.64 -34.80 12.23
CA GLN B 209 -8.87 -36.03 12.38
C GLN B 209 -9.74 -37.18 12.88
N ASN B 210 -10.88 -36.87 13.50
CA ASN B 210 -11.79 -37.90 13.97
C ASN B 210 -12.86 -38.27 12.95
N ARG B 211 -12.93 -37.56 11.83
CA ARG B 211 -13.87 -37.88 10.77
C ARG B 211 -13.36 -39.04 9.92
N GLU B 212 -14.29 -39.71 9.25
CA GLU B 212 -13.93 -40.81 8.37
C GLU B 212 -14.12 -40.47 6.91
N PHE B 213 -14.91 -39.45 6.62
CA PHE B 213 -15.14 -39.05 5.25
C PHE B 213 -15.36 -37.55 5.27
N VAL B 214 -15.23 -36.96 4.09
CA VAL B 214 -15.68 -35.60 3.85
C VAL B 214 -16.53 -35.63 2.58
N GLU B 215 -17.36 -34.60 2.43
CA GLU B 215 -18.23 -34.47 1.27
C GLU B 215 -17.60 -33.50 0.28
N VAL B 216 -17.39 -33.98 -0.94
CA VAL B 216 -16.90 -33.16 -2.04
C VAL B 216 -17.86 -33.33 -3.20
N GLY B 217 -18.41 -32.23 -3.69
CA GLY B 217 -19.30 -32.29 -4.84
C GLY B 217 -20.43 -33.29 -4.69
N GLY B 218 -21.03 -33.36 -3.49
CA GLY B 218 -22.13 -34.24 -3.24
C GLY B 218 -21.75 -35.64 -2.79
N LYS B 219 -20.53 -36.10 -3.10
CA LYS B 219 -20.12 -37.48 -2.81
C LYS B 219 -19.34 -37.56 -1.50
N GLN B 220 -19.45 -38.71 -0.84
CA GLN B 220 -18.60 -38.98 0.32
C GLN B 220 -17.23 -39.42 -0.16
N ILE B 221 -16.20 -38.77 0.35
CA ILE B 221 -14.80 -39.08 0.03
C ILE B 221 -14.14 -39.59 1.30
N PRO B 222 -13.63 -40.82 1.33
CA PRO B 222 -12.98 -41.30 2.55
C PRO B 222 -11.73 -40.47 2.88
N LEU B 223 -11.47 -40.33 4.18
CA LEU B 223 -10.32 -39.62 4.73
C LEU B 223 -9.27 -40.62 5.17
N PRO B 224 -8.20 -40.83 4.41
CA PRO B 224 -7.15 -41.75 4.87
C PRO B 224 -6.54 -41.29 6.20
N LYS B 225 -6.14 -42.27 7.02
CA LYS B 225 -5.50 -41.92 8.30
C LYS B 225 -4.16 -41.19 8.07
N LYS B 226 -3.37 -41.66 7.10
CA LYS B 226 -2.07 -41.09 6.77
C LYS B 226 -2.18 -40.09 5.63
N LEU B 227 -3.24 -39.29 5.60
CA LEU B 227 -3.40 -38.33 4.52
C LEU B 227 -2.21 -37.36 4.51
N GLY B 228 -1.58 -37.24 3.35
CA GLY B 228 -0.52 -36.27 3.15
C GLY B 228 0.85 -36.68 3.66
N TYR B 229 1.05 -37.95 4.01
CA TYR B 229 2.34 -38.40 4.51
C TYR B 229 3.35 -38.44 3.38
N HIS B 230 4.59 -38.05 3.68
CA HIS B 230 5.68 -38.16 2.73
C HIS B 230 6.98 -38.44 3.50
N ASN B 231 7.99 -38.92 2.80
CA ASN B 231 9.23 -39.31 3.45
C ASN B 231 10.38 -38.33 3.15
N GLN B 232 10.07 -37.08 2.84
CA GLN B 232 11.12 -36.13 2.45
C GLN B 232 11.79 -35.44 3.65
N GLY B 233 11.22 -35.54 4.84
CA GLY B 233 11.72 -34.78 5.95
C GLY B 233 11.51 -33.29 5.71
N VAL B 234 12.22 -32.48 6.52
CA VAL B 234 11.96 -31.05 6.65
C VAL B 234 13.27 -30.25 6.69
N MET B 235 13.13 -28.95 6.47
CA MET B 235 14.25 -28.01 6.52
C MET B 235 13.76 -26.69 7.10
N ALA B 236 14.55 -26.09 8.00
CA ALA B 236 14.18 -24.83 8.63
C ALA B 236 15.44 -24.18 9.22
N THR B 237 15.48 -22.84 9.19
CA THR B 237 16.65 -22.11 9.67
C THR B 237 16.45 -21.38 10.98
N ALA B 238 15.22 -21.14 11.39
CA ALA B 238 14.95 -20.53 12.68
C ALA B 238 13.50 -20.84 13.06
N PRO B 239 13.14 -20.74 14.35
CA PRO B 239 11.72 -20.88 14.75
C PRO B 239 10.95 -19.61 14.44
N MET B 240 11.66 -18.46 14.43
CA MET B 240 10.99 -17.18 14.16
C MET B 240 11.56 -16.47 12.95
N TYR B 241 12.76 -15.86 13.07
CA TYR B 241 13.25 -14.87 12.10
C TYR B 241 14.03 -15.46 10.91
N GLY B 242 15.25 -15.96 11.16
CA GLY B 242 16.06 -16.39 10.04
C GLY B 242 17.54 -16.48 10.42
N SER B 243 18.39 -16.40 9.39
CA SER B 243 19.84 -16.58 9.51
C SER B 243 20.47 -15.98 8.26
N SER B 244 21.75 -15.64 8.34
CA SER B 244 22.44 -15.15 7.14
C SER B 244 23.91 -15.50 7.19
N SER B 245 24.56 -15.43 6.04
CA SER B 245 25.98 -15.78 6.03
C SER B 245 26.84 -14.79 6.86
N LEU B 246 26.30 -13.72 7.42
CA LEU B 246 27.08 -12.93 8.38
C LEU B 246 27.15 -13.58 9.74
N ASP B 247 26.28 -14.55 10.05
CA ASP B 247 26.24 -15.08 11.40
C ASP B 247 27.50 -15.88 11.71
N ASP B 248 27.86 -15.91 13.00
CA ASP B 248 28.97 -16.73 13.45
C ASP B 248 28.72 -18.19 13.11
N ASN B 249 27.50 -18.67 13.36
CA ASN B 249 27.12 -20.05 13.09
C ASN B 249 25.83 -20.01 12.29
N PRO B 250 25.90 -19.90 10.96
CA PRO B 250 24.68 -19.89 10.15
C PRO B 250 23.95 -21.20 10.29
N THR B 251 22.61 -21.14 10.24
CA THR B 251 21.78 -22.32 10.42
C THR B 251 21.22 -22.85 9.10
N TRP B 252 21.84 -22.51 7.99
CA TRP B 252 21.52 -23.08 6.70
C TRP B 252 22.85 -23.35 6.02
N ASP B 253 22.91 -24.43 5.26
CA ASP B 253 24.17 -24.91 4.68
C ASP B 253 24.07 -24.88 3.16
N PHE B 254 24.71 -23.88 2.51
CA PHE B 254 24.57 -23.81 1.07
C PHE B 254 25.33 -24.91 0.34
N THR B 255 26.25 -25.62 1.01
CA THR B 255 26.82 -26.76 0.31
C THR B 255 25.86 -27.94 0.21
N ARG B 256 24.74 -27.93 0.92
CA ARG B 256 23.83 -29.06 0.81
C ARG B 256 22.70 -28.81 -0.18
N TRP B 257 22.69 -27.65 -0.83
CA TRP B 257 21.61 -27.26 -1.70
C TRP B 257 22.03 -27.45 -3.15
N LYS B 258 21.08 -27.89 -3.98
CA LYS B 258 21.24 -27.85 -5.42
C LYS B 258 19.84 -27.71 -6.04
N GLU B 259 19.72 -26.92 -7.11
CA GLU B 259 18.44 -26.74 -7.78
C GLU B 259 18.52 -27.33 -9.18
N THR B 260 17.54 -28.17 -9.52
CA THR B 260 17.41 -28.73 -10.85
C THR B 260 16.20 -28.13 -11.57
N ARG B 261 16.02 -28.48 -12.83
CA ARG B 261 14.74 -28.20 -13.48
C ARG B 261 13.70 -29.22 -13.03
N PRO B 262 12.40 -28.96 -13.31
CA PRO B 262 11.36 -29.96 -12.97
C PRO B 262 11.64 -31.34 -13.53
N TRP B 263 12.40 -31.39 -14.62
CA TRP B 263 12.91 -32.57 -15.31
C TRP B 263 13.19 -33.77 -14.40
N ASP B 264 14.00 -33.55 -13.34
CA ASP B 264 14.52 -34.66 -12.52
C ASP B 264 13.45 -35.29 -11.65
N TRP B 265 12.34 -34.59 -11.44
CA TRP B 265 11.40 -34.92 -10.38
C TRP B 265 9.96 -35.00 -10.84
N TYR B 266 9.61 -34.52 -12.03
CA TYR B 266 8.24 -34.47 -12.49
C TYR B 266 8.00 -35.49 -13.60
N MET B 267 6.72 -35.84 -13.77
CA MET B 267 6.30 -36.72 -14.86
C MET B 267 6.41 -36.02 -16.22
N GLY B 268 6.73 -36.80 -17.25
CA GLY B 268 6.64 -36.36 -18.63
C GLY B 268 5.22 -36.35 -19.16
N GLU B 269 5.09 -36.49 -20.48
CA GLU B 269 3.81 -36.28 -21.15
C GLU B 269 2.80 -37.34 -20.74
N VAL B 270 1.58 -36.91 -20.43
CA VAL B 270 0.46 -37.82 -20.18
C VAL B 270 -0.76 -37.26 -20.90
N THR B 271 -1.80 -38.10 -21.01
CA THR B 271 -3.07 -37.69 -21.58
C THR B 271 -4.19 -37.92 -20.58
N ILE B 272 -5.05 -36.92 -20.43
CA ILE B 272 -6.13 -37.00 -19.47
C ILE B 272 -7.18 -37.95 -20.04
N ASP B 273 -7.46 -39.04 -19.32
CA ASP B 273 -8.51 -39.98 -19.71
C ASP B 273 -9.60 -40.12 -18.66
N LEU B 274 -9.57 -39.32 -17.60
CA LEU B 274 -10.61 -39.35 -16.58
C LEU B 274 -11.03 -37.92 -16.25
N GLU B 275 -12.33 -37.63 -16.43
CA GLU B 275 -12.85 -36.29 -16.25
C GLU B 275 -14.07 -36.35 -15.35
N ASP B 276 -14.21 -35.36 -14.46
CA ASP B 276 -15.38 -35.24 -13.60
C ASP B 276 -15.97 -33.84 -13.73
N PRO B 277 -17.00 -33.66 -14.58
CA PRO B 277 -17.60 -32.32 -14.74
C PRO B 277 -18.25 -31.77 -13.48
N SER B 278 -18.52 -32.61 -12.48
CA SER B 278 -19.17 -32.14 -11.27
C SER B 278 -18.20 -31.66 -10.20
N TYR B 279 -16.88 -31.69 -10.47
CA TYR B 279 -15.94 -31.20 -9.47
C TYR B 279 -16.24 -29.72 -9.20
N PRO B 280 -16.47 -29.33 -7.96
CA PRO B 280 -16.94 -27.97 -7.67
C PRO B 280 -15.83 -26.94 -7.85
N ILE B 281 -16.10 -25.86 -8.60
CA ILE B 281 -17.32 -25.63 -9.36
C ILE B 281 -16.88 -25.37 -10.78
N GLY B 282 -17.08 -26.33 -11.66
CA GLY B 282 -16.67 -26.16 -13.06
C GLY B 282 -15.98 -27.38 -13.63
N GLY B 283 -15.79 -28.41 -12.81
CA GLY B 283 -15.23 -29.67 -13.32
C GLY B 283 -13.71 -29.70 -13.44
N THR B 284 -13.21 -30.75 -14.06
CA THR B 284 -11.80 -31.03 -14.24
C THR B 284 -11.43 -30.91 -15.72
N THR B 285 -10.15 -31.14 -16.03
CA THR B 285 -9.66 -30.98 -17.40
C THR B 285 -10.33 -31.98 -18.35
N LYS B 286 -10.65 -31.55 -19.57
CA LYS B 286 -11.35 -32.41 -20.52
C LYS B 286 -10.53 -33.63 -20.93
N VAL B 287 -11.23 -34.75 -21.13
CA VAL B 287 -10.59 -35.95 -21.66
C VAL B 287 -9.94 -35.62 -22.98
N GLY B 288 -8.79 -36.23 -23.25
CA GLY B 288 -8.04 -35.95 -24.44
C GLY B 288 -6.96 -34.89 -24.30
N THR B 289 -7.06 -34.01 -23.29
CA THR B 289 -6.02 -33.00 -23.10
C THR B 289 -4.67 -33.64 -22.79
N LYS B 290 -3.63 -33.16 -23.49
CA LYS B 290 -2.27 -33.56 -23.18
C LYS B 290 -1.69 -32.65 -22.09
N ALA B 291 -0.90 -33.24 -21.20
CA ALA B 291 -0.21 -32.49 -20.16
C ALA B 291 1.23 -33.00 -20.08
N ASN B 292 2.15 -32.14 -19.64
CA ASN B 292 3.55 -32.53 -19.50
C ASN B 292 4.16 -31.77 -18.34
N PRO B 293 4.08 -32.33 -17.12
CA PRO B 293 4.56 -31.59 -15.94
C PRO B 293 6.01 -31.15 -16.05
N GLN B 294 6.89 -31.98 -16.60
CA GLN B 294 8.28 -31.59 -16.76
C GLN B 294 8.41 -30.29 -17.51
N MET B 295 7.59 -30.11 -18.55
CA MET B 295 7.72 -28.96 -19.45
C MET B 295 6.81 -27.82 -19.06
N GLU B 296 5.68 -28.12 -18.41
CA GLU B 296 4.71 -27.10 -18.04
C GLU B 296 4.97 -26.50 -16.66
N SER B 297 5.57 -27.25 -15.74
CA SER B 297 5.94 -26.67 -14.45
C SER B 297 6.74 -25.39 -14.65
N CYS B 298 6.37 -24.32 -13.94
CA CYS B 298 7.10 -23.08 -14.09
C CYS B 298 8.21 -22.86 -13.05
N THR B 299 8.45 -23.79 -12.14
CA THR B 299 9.42 -23.52 -11.10
C THR B 299 10.71 -24.29 -11.37
N GLY B 300 11.78 -23.89 -10.67
CA GLY B 300 12.89 -24.79 -10.48
C GLY B 300 12.60 -25.65 -9.26
N VAL B 301 13.40 -26.68 -9.06
CA VAL B 301 13.23 -27.60 -7.93
C VAL B 301 14.49 -27.56 -7.07
N PRO B 302 14.49 -26.77 -6.01
CA PRO B 302 15.61 -26.84 -5.07
C PRO B 302 15.54 -28.13 -4.28
N THR B 303 16.72 -28.65 -3.94
CA THR B 303 16.85 -29.87 -3.14
C THR B 303 17.83 -29.64 -2.00
N TYR B 304 17.72 -30.50 -0.99
CA TYR B 304 18.61 -30.48 0.17
C TYR B 304 19.06 -31.91 0.37
N ASP B 305 20.37 -32.13 0.36
CA ASP B 305 20.95 -33.49 0.32
C ASP B 305 20.36 -34.30 -0.84
N GLY B 306 20.18 -33.64 -2.00
CA GLY B 306 19.78 -34.33 -3.21
C GLY B 306 18.31 -34.67 -3.33
N GLN B 307 17.46 -34.21 -2.40
CA GLN B 307 16.05 -34.56 -2.34
C GLN B 307 15.21 -33.34 -2.05
N PRO B 308 13.99 -33.27 -2.59
CA PRO B 308 13.01 -32.28 -2.12
C PRO B 308 12.83 -32.36 -0.60
N VAL B 309 12.46 -31.23 0.01
CA VAL B 309 12.16 -31.15 1.45
C VAL B 309 10.87 -30.38 1.65
N GLU B 310 10.26 -30.58 2.82
CA GLU B 310 9.15 -29.76 3.30
C GLU B 310 9.69 -28.58 4.10
N VAL B 311 9.19 -27.37 3.83
CA VAL B 311 9.49 -26.19 4.64
C VAL B 311 8.18 -25.65 5.21
N GLY B 312 8.29 -24.76 6.20
CA GLY B 312 7.11 -24.15 6.76
C GLY B 312 6.96 -24.38 8.25
N PRO B 313 5.81 -24.03 8.80
CA PRO B 313 5.62 -24.14 10.26
C PRO B 313 5.94 -25.53 10.80
N ARG B 314 5.43 -26.57 10.17
CA ARG B 314 5.73 -27.92 10.67
C ARG B 314 7.21 -28.18 10.60
N ALA B 315 7.86 -27.73 9.51
CA ALA B 315 9.30 -27.88 9.39
C ALA B 315 10.03 -27.18 10.54
N ARG B 316 9.54 -26.00 10.92
CA ARG B 316 10.16 -25.23 12.00
C ARG B 316 10.02 -25.96 13.33
N LEU B 317 8.81 -26.45 13.65
CA LEU B 317 8.58 -27.10 14.94
C LEU B 317 9.27 -28.44 15.01
N ALA B 318 9.30 -29.16 13.88
CA ALA B 318 10.07 -30.39 13.82
C ALA B 318 11.57 -30.11 13.99
N THR B 319 12.11 -29.10 13.29
CA THR B 319 13.54 -28.83 13.42
C THR B 319 13.88 -28.35 14.84
N PHE B 320 13.09 -27.45 15.41
CA PHE B 320 13.54 -26.78 16.64
C PHE B 320 12.91 -27.30 17.93
N LYS B 321 11.83 -28.10 17.85
CA LYS B 321 11.22 -28.70 19.03
C LYS B 321 10.99 -30.20 18.88
N ASN B 322 11.40 -30.77 17.74
CA ASN B 322 11.19 -32.18 17.42
C ASN B 322 9.71 -32.54 17.47
N PHE B 323 8.86 -31.60 17.08
CA PHE B 323 7.48 -31.91 16.72
C PHE B 323 7.43 -33.17 15.86
N ASP B 324 6.59 -34.12 16.26
CA ASP B 324 6.70 -35.48 15.74
C ASP B 324 5.37 -36.00 15.17
N GLU B 325 4.58 -35.14 14.52
CA GLU B 325 3.46 -35.59 13.71
C GLU B 325 3.66 -35.08 12.29
N LYS B 326 3.15 -35.83 11.32
CA LYS B 326 3.40 -35.50 9.92
C LYS B 326 2.10 -35.60 9.12
N GLY B 327 2.14 -35.02 7.93
CA GLY B 327 1.01 -35.01 7.03
C GLY B 327 0.11 -33.80 7.17
N THR B 328 -1.02 -33.90 6.48
CA THR B 328 -1.91 -32.77 6.27
C THR B 328 -2.38 -32.16 7.59
N PHE B 329 -2.99 -32.96 8.47
CA PHE B 329 -3.52 -32.30 9.65
C PHE B 329 -2.41 -31.87 10.61
N ALA B 330 -1.30 -32.61 10.67
CA ALA B 330 -0.13 -32.16 11.42
C ALA B 330 0.38 -30.81 10.91
N GLN B 331 0.42 -30.62 9.59
CA GLN B 331 0.83 -29.30 9.07
C GLN B 331 -0.12 -28.20 9.52
N HIS B 332 -1.43 -28.46 9.47
CA HIS B 332 -2.37 -27.46 9.93
C HIS B 332 -2.16 -27.14 11.41
N ILE B 333 -1.91 -28.17 12.21
CA ILE B 333 -1.75 -27.96 13.65
C ILE B 333 -0.55 -27.08 13.93
N ALA B 334 0.57 -27.39 13.29
CA ALA B 334 1.81 -26.68 13.56
C ALA B 334 1.69 -25.22 13.18
N ARG B 335 0.96 -24.93 12.10
CA ARG B 335 0.75 -23.55 11.70
C ARG B 335 -0.01 -22.77 12.78
N GLN B 336 -1.09 -23.36 13.33
CA GLN B 336 -1.85 -22.66 14.34
C GLN B 336 -1.01 -22.43 15.59
N MET B 337 -0.19 -23.42 15.95
CA MET B 337 0.63 -23.30 17.15
C MET B 337 1.59 -22.10 17.10
N GLU B 338 1.89 -21.59 15.89
CA GLU B 338 2.80 -20.45 15.76
C GLU B 338 2.18 -19.09 16.08
N TYR B 339 0.86 -19.03 16.34
CA TYR B 339 0.22 -17.74 16.64
C TYR B 339 0.83 -17.02 17.83
N PRO B 340 0.95 -17.61 19.02
CA PRO B 340 1.33 -16.78 20.17
C PRO B 340 2.77 -16.26 20.11
N ASP B 341 3.73 -17.05 19.62
CA ASP B 341 5.12 -16.58 19.53
C ASP B 341 5.19 -15.22 18.83
N CYS B 342 4.33 -15.03 17.83
CA CYS B 342 4.33 -13.76 17.10
C CYS B 342 4.06 -12.58 18.03
N CYS B 343 3.03 -12.69 18.89
CA CYS B 343 2.70 -11.56 19.76
C CYS B 343 3.71 -11.42 20.91
N TYR B 344 4.15 -12.52 21.51
CA TYR B 344 5.18 -12.42 22.56
C TYR B 344 6.47 -11.80 22.01
N THR B 345 6.88 -12.21 20.81
CA THR B 345 8.07 -11.65 20.17
C THR B 345 7.93 -10.14 19.96
N ILE B 346 6.81 -9.71 19.39
CA ILE B 346 6.59 -8.28 19.20
C ILE B 346 6.70 -7.53 20.52
N LEU B 347 6.04 -8.04 21.56
CA LEU B 347 6.08 -7.34 22.84
C LEU B 347 7.49 -7.31 23.42
N ASN B 348 8.24 -8.41 23.32
N ASN B 348 8.22 -8.43 23.34
CA ASN B 348 9.61 -8.39 23.81
CA ASN B 348 9.61 -8.45 23.78
C ASN B 348 10.47 -7.43 22.98
C ASN B 348 10.46 -7.45 22.99
N CYS B 349 10.30 -7.43 21.66
CA CYS B 349 11.10 -6.52 20.82
C CYS B 349 10.80 -5.04 21.11
N LEU B 350 9.51 -4.67 21.22
CA LEU B 350 9.15 -3.31 21.62
C LEU B 350 9.80 -2.93 22.95
N ASP B 351 9.82 -3.87 23.90
CA ASP B 351 10.42 -3.65 25.21
C ASP B 351 11.90 -3.26 25.10
N ASN B 352 12.61 -3.84 24.14
CA ASN B 352 14.04 -3.60 23.97
C ASN B 352 14.35 -2.48 22.99
N LEU B 353 13.36 -2.07 22.20
CA LEU B 353 13.57 -1.07 21.16
C LEU B 353 13.84 0.27 21.80
N ASN B 354 14.88 0.96 21.32
CA ASN B 354 15.20 2.31 21.75
C ASN B 354 14.74 3.23 20.63
N THR B 355 13.69 4.01 20.90
CA THR B 355 13.14 4.83 19.82
C THR B 355 14.04 6.02 19.46
N SER B 356 15.05 6.32 20.27
CA SER B 356 16.10 7.27 19.89
C SER B 356 17.32 6.58 19.30
N GLY B 357 17.27 5.26 19.11
CA GLY B 357 18.45 4.57 18.65
C GLY B 357 18.66 4.72 17.16
N LYS B 358 19.90 4.49 16.76
CA LYS B 358 20.28 4.53 15.36
C LYS B 358 19.62 3.40 14.57
N VAL B 359 19.25 3.65 13.32
CA VAL B 359 18.63 2.63 12.48
C VAL B 359 19.36 2.40 11.17
N LEU B 360 20.48 3.09 10.93
CA LEU B 360 21.20 2.94 9.67
C LEU B 360 22.68 2.80 9.98
N ALA B 361 23.32 1.76 9.46
CA ALA B 361 24.75 1.60 9.68
C ALA B 361 25.48 2.87 9.22
N ASP B 362 26.52 3.27 9.98
CA ASP B 362 27.31 4.45 9.62
C ASP B 362 28.03 4.27 8.31
N HIS B 363 28.40 3.05 7.97
CA HIS B 363 29.08 2.81 6.71
C HIS B 363 28.41 1.67 5.95
N ILE B 364 28.11 1.92 4.69
CA ILE B 364 27.55 0.87 3.84
C ILE B 364 28.57 0.57 2.74
N PRO B 365 29.26 -0.57 2.79
CA PRO B 365 30.24 -0.86 1.74
C PRO B 365 29.52 -1.18 0.44
N GLN B 366 30.27 -1.10 -0.66
CA GLN B 366 29.72 -1.25 -2.00
C GLN B 366 29.90 -2.66 -2.57
N GLY B 367 30.67 -3.51 -1.90
CA GLY B 367 30.83 -4.90 -2.30
C GLY B 367 31.95 -5.10 -3.29
N ASP B 368 32.52 -6.32 -3.27
CA ASP B 368 33.58 -6.70 -4.19
C ASP B 368 33.23 -7.93 -5.03
N GLY B 369 31.95 -8.31 -5.09
CA GLY B 369 31.60 -9.52 -5.81
C GLY B 369 31.55 -10.79 -4.99
N SER B 370 31.80 -10.72 -3.68
CA SER B 370 31.67 -11.88 -2.81
C SER B 370 30.23 -12.35 -2.71
N MET B 371 30.04 -13.64 -2.48
CA MET B 371 28.69 -14.17 -2.34
C MET B 371 28.22 -14.02 -0.90
N GLY B 372 27.00 -13.54 -0.71
CA GLY B 372 26.35 -13.60 0.59
C GLY B 372 24.98 -14.24 0.42
N TRP B 373 24.40 -14.68 1.55
CA TRP B 373 23.04 -15.19 1.49
C TRP B 373 22.31 -14.84 2.77
N ALA B 374 20.98 -14.77 2.67
CA ALA B 374 20.14 -14.58 3.85
C ALA B 374 18.92 -15.48 3.74
N ALA B 375 18.55 -16.09 4.87
CA ALA B 375 17.33 -16.87 5.00
C ALA B 375 16.35 -16.11 5.89
N ASN B 376 15.14 -15.93 5.38
CA ASN B 376 14.03 -15.43 6.17
C ASN B 376 13.04 -16.58 6.31
N GLU B 377 12.60 -16.85 7.54
CA GLU B 377 11.56 -17.87 7.75
C GLU B 377 10.21 -17.22 7.47
N ALA B 378 9.86 -17.17 6.18
CA ALA B 378 8.57 -16.65 5.73
C ALA B 378 7.45 -17.48 6.36
N PRO B 379 6.22 -16.98 6.37
CA PRO B 379 5.13 -17.77 6.97
C PRO B 379 5.04 -19.17 6.40
N ARG B 380 5.38 -19.36 5.12
CA ARG B 380 5.31 -20.67 4.49
C ARG B 380 6.62 -21.44 4.54
N GLY B 381 7.72 -20.86 5.05
CA GLY B 381 8.95 -21.63 5.25
C GLY B 381 10.19 -20.84 4.82
N SER B 382 11.31 -21.56 4.68
CA SER B 382 12.63 -20.95 4.49
C SER B 382 12.72 -20.26 3.14
N ASN B 383 12.89 -18.95 3.19
CA ASN B 383 13.06 -18.10 1.99
C ASN B 383 14.53 -17.68 1.93
N ILE B 384 15.27 -18.23 0.98
CA ILE B 384 16.72 -18.03 0.92
C ILE B 384 17.08 -17.26 -0.35
N HIS B 385 17.62 -16.06 -0.15
CA HIS B 385 18.12 -15.23 -1.23
C HIS B 385 19.65 -15.22 -1.18
N LEU B 386 20.28 -15.31 -2.34
CA LEU B 386 21.73 -15.35 -2.45
C LEU B 386 22.15 -14.30 -3.48
N ALA B 387 23.24 -13.58 -3.18
CA ALA B 387 23.62 -12.47 -4.04
C ALA B 387 25.13 -12.25 -4.04
N ARG B 388 25.63 -11.74 -5.18
CA ARG B 388 26.95 -11.14 -5.29
C ARG B 388 26.76 -9.69 -5.68
N VAL B 389 27.16 -8.77 -4.80
CA VAL B 389 27.10 -7.33 -5.02
C VAL B 389 28.52 -6.84 -5.27
N LYS B 390 28.69 -6.09 -6.36
CA LYS B 390 29.97 -5.45 -6.66
C LYS B 390 29.69 -4.04 -7.11
N ASP B 391 30.36 -3.07 -6.48
CA ASP B 391 30.19 -1.65 -6.82
C ASP B 391 28.73 -1.22 -6.74
N GLY B 392 28.02 -1.70 -5.72
CA GLY B 392 26.66 -1.28 -5.52
C GLY B 392 25.64 -1.91 -6.45
N LYS B 393 26.07 -2.80 -7.36
CA LYS B 393 25.18 -3.47 -8.31
C LYS B 393 25.16 -4.96 -8.06
N VAL B 394 24.00 -5.55 -8.32
CA VAL B 394 23.79 -6.99 -8.19
C VAL B 394 24.36 -7.68 -9.42
N ARG B 395 25.40 -8.50 -9.23
CA ARG B 395 25.98 -9.21 -10.36
C ARG B 395 25.43 -10.61 -10.50
N TRP B 396 24.76 -11.13 -9.46
CA TRP B 396 24.28 -12.49 -9.43
C TRP B 396 23.22 -12.57 -8.36
N TYR B 397 22.13 -13.27 -8.66
CA TYR B 397 21.01 -13.29 -7.74
C TYR B 397 20.27 -14.61 -7.84
N ASP B 398 19.84 -15.14 -6.70
CA ASP B 398 19.13 -16.41 -6.73
C ASP B 398 18.14 -16.45 -5.57
N MET B 399 16.95 -16.99 -5.82
CA MET B 399 15.87 -17.01 -4.85
C MET B 399 15.31 -18.44 -4.71
N LEU B 400 15.42 -19.01 -3.50
CA LEU B 400 14.88 -20.34 -3.18
C LEU B 400 13.73 -20.11 -2.20
N VAL B 401 12.50 -20.10 -2.70
CA VAL B 401 11.34 -19.58 -1.98
C VAL B 401 10.56 -20.77 -1.40
N PRO B 402 9.93 -20.64 -0.23
CA PRO B 402 9.34 -21.81 0.41
C PRO B 402 8.43 -22.65 -0.47
N THR B 403 7.51 -22.03 -1.20
CA THR B 403 6.61 -22.86 -2.00
C THR B 403 7.36 -23.52 -3.14
N THR B 404 8.45 -22.91 -3.60
CA THR B 404 9.31 -23.61 -4.56
C THR B 404 9.79 -24.93 -3.98
N TRP B 405 10.30 -24.90 -2.75
CA TRP B 405 10.73 -26.12 -2.08
C TRP B 405 9.57 -27.11 -1.92
N ASN B 406 8.39 -26.60 -1.56
CA ASN B 406 7.29 -27.50 -1.19
C ASN B 406 6.62 -28.13 -2.41
N PHE B 407 6.73 -27.55 -3.60
CA PHE B 407 6.06 -28.11 -4.77
C PHE B 407 6.37 -29.60 -5.01
N PRO B 408 7.63 -30.02 -5.16
CA PRO B 408 7.90 -31.45 -5.38
C PRO B 408 7.57 -32.31 -4.17
N THR B 409 7.62 -31.73 -2.97
CA THR B 409 7.41 -32.51 -1.76
C THR B 409 5.93 -32.80 -1.56
N CYS B 410 5.11 -31.77 -1.66
CA CYS B 410 3.66 -31.93 -1.67
C CYS B 410 3.25 -32.95 -2.73
N SER B 411 3.82 -32.85 -3.93
CA SER B 411 3.50 -33.81 -5.00
C SER B 411 3.61 -35.23 -4.49
N ARG B 412 4.75 -35.55 -3.87
CA ARG B 412 4.96 -36.91 -3.39
C ARG B 412 3.98 -37.26 -2.27
N ALA B 413 3.61 -36.26 -1.46
CA ALA B 413 2.63 -36.43 -0.40
C ALA B 413 1.23 -36.73 -0.93
N LEU B 414 1.00 -36.56 -2.23
CA LEU B 414 -0.32 -36.81 -2.80
C LEU B 414 -0.63 -38.29 -2.89
N THR B 415 0.38 -39.14 -2.92
CA THR B 415 0.15 -40.59 -2.98
C THR B 415 -0.79 -41.01 -1.85
N GLY B 416 -1.75 -41.90 -2.18
CA GLY B 416 -2.67 -42.38 -1.16
C GLY B 416 -3.91 -41.50 -0.98
N ALA B 417 -3.94 -40.31 -1.58
CA ALA B 417 -5.15 -39.53 -1.36
C ALA B 417 -6.18 -39.82 -2.45
N PRO B 418 -7.46 -39.88 -2.06
CA PRO B 418 -8.52 -39.78 -3.07
C PRO B 418 -8.33 -38.50 -3.87
N TRP B 419 -8.34 -38.61 -5.21
CA TRP B 419 -7.98 -37.44 -6.01
C TRP B 419 -8.89 -36.25 -5.72
N GLN B 420 -10.11 -36.51 -5.25
CA GLN B 420 -11.05 -35.44 -4.94
C GLN B 420 -10.65 -34.63 -3.71
N ILE B 421 -9.74 -35.15 -2.87
CA ILE B 421 -9.19 -34.34 -1.77
C ILE B 421 -7.68 -34.09 -1.95
N ALA B 422 -7.13 -34.29 -3.16
CA ALA B 422 -5.76 -33.83 -3.40
C ALA B 422 -5.59 -32.35 -3.01
N GLU B 423 -6.59 -31.52 -3.34
CA GLU B 423 -6.49 -30.10 -2.99
C GLU B 423 -6.36 -29.87 -1.49
N MET B 424 -6.95 -30.75 -0.66
CA MET B 424 -6.79 -30.59 0.79
C MET B 424 -5.35 -30.83 1.22
N VAL B 425 -4.70 -31.84 0.63
CA VAL B 425 -3.26 -32.06 0.87
C VAL B 425 -2.48 -30.80 0.49
N VAL B 426 -2.79 -30.23 -0.67
CA VAL B 426 -2.13 -29.02 -1.16
C VAL B 426 -2.31 -27.86 -0.19
N ARG B 427 -3.53 -27.64 0.31
CA ARG B 427 -3.77 -26.43 1.09
C ARG B 427 -3.09 -26.46 2.46
N ALA B 428 -2.79 -27.64 3.00
CA ALA B 428 -2.01 -27.72 4.24
C ALA B 428 -0.61 -27.14 4.11
N TYR B 429 -0.08 -27.04 2.88
CA TYR B 429 1.18 -26.34 2.62
C TYR B 429 1.03 -24.83 2.52
N ASP B 430 -0.19 -24.29 2.59
CA ASP B 430 -0.41 -22.85 2.50
C ASP B 430 0.33 -22.30 1.27
N PRO B 431 0.06 -22.82 0.06
CA PRO B 431 0.93 -22.50 -1.07
C PRO B 431 0.86 -21.05 -1.51
N CYS B 432 2.01 -20.54 -1.94
CA CYS B 432 2.10 -19.26 -2.62
C CYS B 432 2.78 -19.48 -3.96
N VAL B 433 1.98 -19.64 -5.00
CA VAL B 433 2.56 -20.02 -6.29
C VAL B 433 3.26 -18.83 -6.98
N SER B 434 2.82 -17.59 -6.76
CA SER B 434 3.58 -16.44 -7.26
C SER B 434 4.97 -16.39 -6.61
N CYS B 435 5.01 -16.57 -5.28
CA CYS B 435 6.26 -16.81 -4.56
C CYS B 435 7.10 -17.89 -5.19
N ALA B 436 6.49 -19.06 -5.41
CA ALA B 436 7.24 -20.22 -5.84
C ALA B 436 7.93 -19.98 -7.16
N THR B 437 7.34 -19.15 -8.01
CA THR B 437 7.74 -18.98 -9.41
C THR B 437 8.65 -17.78 -9.59
N HIS B 438 8.34 -16.68 -8.92
N HIS B 438 8.36 -16.65 -8.95
CA HIS B 438 9.03 -15.39 -8.99
CA HIS B 438 9.18 -15.41 -9.08
C HIS B 438 9.60 -15.11 -10.39
C HIS B 438 9.87 -15.22 -10.46
N MET C 1 -24.71 27.59 6.04
CA MET C 1 -23.72 27.59 4.98
C MET C 1 -23.86 28.82 4.09
N ILE C 2 -22.74 29.44 3.76
CA ILE C 2 -22.64 30.39 2.66
C ILE C 2 -21.86 29.70 1.55
N GLU C 3 -22.31 29.87 0.31
CA GLU C 3 -21.62 29.31 -0.86
C GLU C 3 -21.10 30.47 -1.73
N ASP C 4 -20.11 31.20 -1.23
CA ASP C 4 -19.53 32.30 -2.00
C ASP C 4 -18.73 31.75 -3.19
N PRO C 5 -18.89 32.34 -4.38
CA PRO C 5 -18.17 31.83 -5.58
C PRO C 5 -16.69 32.17 -5.60
N TYR C 6 -16.22 33.07 -4.75
CA TYR C 6 -14.82 33.40 -4.67
C TYR C 6 -14.20 33.11 -3.33
N LEU C 7 -15.00 32.92 -2.27
CA LEU C 7 -14.46 32.69 -0.94
C LEU C 7 -14.77 31.28 -0.47
N GLY C 8 -15.38 30.46 -1.32
CA GLY C 8 -15.68 29.09 -0.99
C GLY C 8 -16.86 28.97 -0.03
N LYS C 9 -17.03 27.74 0.43
CA LYS C 9 -18.12 27.37 1.32
C LYS C 9 -17.70 27.59 2.77
N TYR C 10 -18.53 28.27 3.55
CA TYR C 10 -18.19 28.47 4.96
C TYR C 10 -19.43 28.73 5.78
N VAL C 11 -19.30 28.48 7.08
CA VAL C 11 -20.39 28.71 8.02
C VAL C 11 -20.36 30.16 8.50
N THR C 12 -19.24 30.61 9.04
CA THR C 12 -19.09 32.01 9.42
C THR C 12 -17.69 32.51 9.09
N CYS C 13 -17.52 33.82 9.28
CA CYS C 13 -16.27 34.51 9.05
C CYS C 13 -16.16 35.60 10.10
N VAL C 14 -15.10 35.54 10.90
CA VAL C 14 -14.86 36.51 11.95
C VAL C 14 -13.45 37.04 11.79
N SER C 15 -13.16 38.09 12.54
CA SER C 15 -11.81 38.60 12.69
C SER C 15 -11.35 38.17 14.07
N ALA C 16 -10.16 37.59 14.15
CA ALA C 16 -9.77 36.96 15.41
C ALA C 16 -8.27 37.09 15.63
N ARG C 17 -7.90 36.89 16.90
CA ARG C 17 -6.51 36.73 17.28
C ARG C 17 -6.43 35.95 18.59
N SER C 18 -5.34 35.18 18.71
CA SER C 18 -5.13 34.34 19.88
C SER C 18 -5.00 35.18 21.14
N THR C 19 -5.53 34.66 22.24
CA THR C 19 -5.32 35.27 23.54
C THR C 19 -4.03 34.81 24.20
N ASP C 20 -3.30 33.88 23.58
CA ASP C 20 -2.01 33.43 24.11
C ASP C 20 -0.95 34.44 23.73
N LYS C 21 -0.45 35.19 24.72
CA LYS C 21 0.49 36.27 24.44
C LYS C 21 1.84 35.74 23.98
N GLU C 22 2.27 34.58 24.50
CA GLU C 22 3.52 33.98 24.04
C GLU C 22 3.45 33.67 22.54
N ILE C 23 2.35 33.07 22.09
CA ILE C 23 2.19 32.75 20.68
C ILE C 23 2.28 34.02 19.83
N LEU C 24 1.69 35.12 20.32
CA LEU C 24 1.55 36.32 19.49
C LEU C 24 2.90 36.98 19.24
N LYS C 25 3.87 36.75 20.13
CA LYS C 25 5.17 37.41 20.04
C LYS C 25 5.82 37.20 18.67
N LYS C 26 5.66 36.02 18.08
CA LYS C 26 6.29 35.75 16.81
C LYS C 26 5.33 35.31 15.72
N ALA C 27 4.02 35.26 15.99
CA ALA C 27 3.03 34.96 14.96
C ALA C 27 3.10 35.98 13.83
N GLN C 28 2.78 35.52 12.61
CA GLN C 28 2.71 36.44 11.48
C GLN C 28 1.58 37.43 11.66
N ASP C 29 0.40 36.93 12.02
CA ASP C 29 -0.75 37.79 12.11
C ASP C 29 -1.41 37.61 13.47
N GLY C 30 -2.61 37.05 13.49
CA GLY C 30 -3.29 36.84 14.75
C GLY C 30 -2.84 35.61 15.52
N GLY C 31 -1.92 34.82 14.97
CA GLY C 31 -1.53 33.60 15.65
C GLY C 31 -2.56 32.48 15.56
N ILE C 32 -3.44 32.54 14.57
CA ILE C 32 -4.54 31.59 14.47
C ILE C 32 -4.02 30.20 14.14
N ALA C 33 -3.12 30.10 13.14
CA ALA C 33 -2.66 28.79 12.70
C ALA C 33 -1.88 28.09 13.81
N THR C 34 -1.02 28.81 14.54
CA THR C 34 -0.36 28.20 15.70
C THR C 34 -1.37 27.87 16.79
N ALA C 35 -2.19 28.86 17.18
CA ALA C 35 -3.11 28.69 18.31
C ALA C 35 -4.06 27.53 18.11
N LEU C 36 -4.57 27.36 16.89
CA LEU C 36 -5.50 26.25 16.65
C LEU C 36 -4.80 24.90 16.77
N MET C 37 -3.57 24.80 16.26
CA MET C 37 -2.89 23.50 16.29
C MET C 37 -2.44 23.15 17.72
N VAL C 38 -1.95 24.14 18.46
CA VAL C 38 -1.61 23.92 19.86
C VAL C 38 -2.84 23.43 20.62
N TYR C 39 -3.96 24.13 20.43
CA TYR C 39 -5.19 23.81 21.14
C TYR C 39 -5.70 22.44 20.72
N ALA C 40 -5.69 22.13 19.42
CA ALA C 40 -6.14 20.82 18.98
C ALA C 40 -5.30 19.72 19.60
N LEU C 41 -3.99 19.96 19.76
CA LEU C 41 -3.12 18.97 20.37
C LEU C 41 -3.44 18.80 21.84
N GLU C 42 -3.58 19.91 22.59
CA GLU C 42 -3.89 19.81 24.01
C GLU C 42 -5.25 19.13 24.25
N GLU C 43 -6.20 19.35 23.36
CA GLU C 43 -7.54 18.79 23.53
C GLU C 43 -7.69 17.38 22.98
N GLY C 44 -6.71 16.87 22.24
CA GLY C 44 -6.82 15.53 21.69
C GLY C 44 -7.52 15.42 20.34
N PHE C 45 -7.91 16.54 19.73
CA PHE C 45 -8.42 16.48 18.36
C PHE C 45 -7.34 16.00 17.38
N ILE C 46 -6.07 16.35 17.63
CA ILE C 46 -4.95 15.79 16.88
C ILE C 46 -3.94 15.20 17.87
N ASP C 47 -3.14 14.24 17.39
CA ASP C 47 -1.95 13.85 18.13
C ASP C 47 -0.67 14.30 17.46
N GLY C 48 -0.75 14.93 16.29
CA GLY C 48 0.41 15.56 15.70
C GLY C 48 -0.03 16.34 14.48
N THR C 49 0.86 17.23 14.03
CA THR C 49 0.50 18.07 12.90
C THR C 49 1.72 18.43 12.06
N ILE C 50 1.50 18.59 10.77
CA ILE C 50 2.56 18.97 9.85
C ILE C 50 2.63 20.48 9.80
N VAL C 51 3.81 21.04 10.09
CA VAL C 51 3.99 22.48 10.12
C VAL C 51 5.26 22.84 9.35
N ALA C 52 5.37 24.12 9.02
CA ALA C 52 6.52 24.60 8.26
C ALA C 52 7.60 25.01 9.25
N GLY C 53 8.44 24.03 9.62
CA GLY C 53 9.46 24.25 10.63
C GLY C 53 10.63 25.02 10.05
N GLU C 54 11.63 25.21 10.89
CA GLU C 54 12.83 25.89 10.43
C GLU C 54 13.71 24.90 9.69
N GLY C 55 14.34 25.37 8.61
CA GLY C 55 15.12 24.54 7.73
C GLY C 55 16.61 24.77 7.87
N ASP C 56 17.35 24.35 6.84
CA ASP C 56 18.80 24.36 6.90
C ASP C 56 19.45 25.66 6.43
N LYS C 57 18.71 26.55 5.75
CA LYS C 57 19.13 27.87 5.31
C LYS C 57 18.18 28.90 5.90
N PRO C 58 18.64 30.13 6.17
CA PRO C 58 17.75 31.14 6.76
C PRO C 58 16.54 31.39 5.88
N TRP C 59 15.37 31.37 6.50
CA TRP C 59 14.08 31.69 5.87
C TRP C 59 13.68 30.65 4.84
N GLN C 60 14.31 29.48 4.88
CA GLN C 60 13.85 28.35 4.10
C GLN C 60 13.06 27.42 4.99
N PRO C 61 11.78 27.17 4.71
CA PRO C 61 11.00 26.28 5.56
C PRO C 61 11.35 24.82 5.34
N LYS C 62 11.20 24.02 6.40
CA LYS C 62 11.34 22.57 6.29
C LYS C 62 10.10 21.92 6.90
N PRO C 63 9.27 21.22 6.12
CA PRO C 63 8.12 20.54 6.73
C PRO C 63 8.55 19.56 7.80
N VAL C 64 7.75 19.45 8.85
CA VAL C 64 8.06 18.57 9.97
C VAL C 64 6.76 18.16 10.66
N VAL C 65 6.75 16.94 11.20
CA VAL C 65 5.63 16.47 12.01
C VAL C 65 5.90 16.94 13.43
N ALA C 66 5.07 17.84 13.93
CA ALA C 66 5.24 18.40 15.26
C ALA C 66 4.28 17.69 16.21
N MET C 67 4.75 17.36 17.42
CA MET C 67 3.91 16.62 18.35
C MET C 67 3.93 17.21 19.76
N THR C 68 4.45 18.42 19.91
CA THR C 68 4.48 19.14 21.17
C THR C 68 4.13 20.59 20.88
N ARG C 69 3.64 21.27 21.91
CA ARG C 69 3.37 22.69 21.77
C ARG C 69 4.62 23.42 21.29
N GLU C 70 5.77 23.05 21.86
CA GLU C 70 7.02 23.74 21.54
C GLU C 70 7.37 23.60 20.06
N ASP C 71 7.26 22.39 19.51
CA ASP C 71 7.57 22.19 18.10
C ASP C 71 6.60 22.93 17.20
N ILE C 72 5.32 23.01 17.59
CA ILE C 72 4.35 23.78 16.78
C ILE C 72 4.74 25.25 16.72
N LEU C 73 5.13 25.81 17.87
CA LEU C 73 5.47 27.22 17.93
C LEU C 73 6.70 27.54 17.09
N LYS C 74 7.59 26.56 16.87
CA LYS C 74 8.75 26.84 16.04
C LYS C 74 8.38 27.21 14.62
N ALA C 75 7.15 26.93 14.19
CA ALA C 75 6.73 27.19 12.82
C ALA C 75 6.01 28.51 12.64
N ARG C 76 6.01 29.39 13.64
CA ARG C 76 5.35 30.68 13.50
C ARG C 76 6.03 31.53 12.43
N GLY C 77 5.24 32.38 11.77
CA GLY C 77 5.77 33.31 10.77
C GLY C 77 5.71 32.78 9.35
N THR C 78 5.45 33.68 8.40
CA THR C 78 5.31 33.31 7.00
C THR C 78 6.67 33.17 6.34
N ARG C 79 6.88 32.02 5.70
CA ARG C 79 8.03 31.81 4.82
C ARG C 79 7.51 31.89 3.39
N TYR C 80 7.87 32.97 2.68
CA TYR C 80 7.38 33.09 1.31
C TYR C 80 8.28 32.33 0.33
N ASN C 81 8.51 31.03 0.58
CA ASN C 81 8.98 30.13 -0.47
C ASN C 81 8.40 28.76 -0.17
N ILE C 82 8.65 27.82 -1.10
CA ILE C 82 7.93 26.54 -1.11
C ILE C 82 8.30 25.70 0.11
N SER C 83 7.28 25.17 0.77
CA SER C 83 7.46 24.18 1.84
C SER C 83 6.62 22.97 1.46
N PRO C 84 7.22 21.87 1.07
CA PRO C 84 6.45 20.69 0.55
C PRO C 84 5.76 19.90 1.67
N GLN C 85 4.77 20.57 2.29
CA GLN C 85 4.15 20.07 3.51
C GLN C 85 3.63 18.65 3.36
N ILE C 86 3.08 18.31 2.18
CA ILE C 86 2.39 17.04 2.06
C ILE C 86 3.38 15.88 1.99
N SER C 87 4.69 16.16 1.91
CA SER C 87 5.63 15.06 1.79
C SER C 87 5.65 14.17 3.04
N TRP C 88 5.18 14.65 4.19
CA TRP C 88 5.15 13.87 5.43
C TRP C 88 3.74 13.33 5.77
N LEU C 89 2.79 13.41 4.84
CA LEU C 89 1.40 13.12 5.15
C LEU C 89 1.19 11.64 5.43
N LYS C 90 1.72 10.76 4.58
CA LYS C 90 1.61 9.32 4.85
C LYS C 90 2.49 8.92 6.02
N GLU C 91 3.69 9.50 6.09
CA GLU C 91 4.64 9.02 7.08
C GLU C 91 4.14 9.30 8.49
N ALA C 92 3.41 10.39 8.65
CA ALA C 92 2.80 10.69 9.94
C ALA C 92 1.97 9.52 10.45
N THR C 93 1.37 8.73 9.56
CA THR C 93 0.57 7.59 10.00
C THR C 93 1.37 6.29 10.09
N ARG C 94 2.65 6.31 9.69
CA ARG C 94 3.49 5.14 9.77
C ARG C 94 4.41 5.24 10.99
N SER C 95 5.69 5.64 10.79
CA SER C 95 6.65 5.57 11.90
C SER C 95 6.25 6.50 13.03
N PHE C 96 5.52 7.56 12.74
CA PHE C 96 5.08 8.42 13.83
C PHE C 96 3.89 7.86 14.59
N GLY C 97 3.16 6.91 14.01
CA GLY C 97 2.11 6.22 14.73
C GLY C 97 0.93 7.11 15.12
N LEU C 98 0.69 8.17 14.38
CA LEU C 98 -0.41 9.06 14.70
C LEU C 98 -1.75 8.46 14.25
N ASP C 99 -2.78 8.69 15.08
CA ASP C 99 -4.18 8.41 14.74
C ASP C 99 -4.95 9.61 14.22
N LYS C 100 -4.48 10.83 14.50
CA LYS C 100 -5.27 12.04 14.22
C LYS C 100 -4.31 13.13 13.73
N VAL C 101 -4.07 13.13 12.42
CA VAL C 101 -3.07 14.01 11.83
C VAL C 101 -3.67 15.39 11.58
N GLY C 102 -2.98 16.42 12.05
CA GLY C 102 -3.22 17.78 11.59
C GLY C 102 -2.30 18.17 10.44
N VAL C 103 -2.78 19.10 9.61
CA VAL C 103 -2.06 19.59 8.45
C VAL C 103 -2.25 21.10 8.34
N THR C 104 -1.15 21.83 8.20
CA THR C 104 -1.18 23.25 7.91
C THR C 104 -0.50 23.48 6.56
N GLY C 105 -0.92 24.51 5.86
CA GLY C 105 -0.37 24.82 4.55
C GLY C 105 -1.26 25.77 3.78
N VAL C 106 -0.84 26.03 2.54
CA VAL C 106 -1.58 26.97 1.71
C VAL C 106 -2.64 26.21 0.91
N CYS C 107 -3.33 26.95 0.02
CA CYS C 107 -4.54 26.42 -0.61
C CYS C 107 -4.28 25.12 -1.36
N CYS C 108 -3.21 25.06 -2.15
CA CYS C 108 -2.92 23.88 -2.97
C CYS C 108 -2.59 22.66 -2.11
N GLN C 109 -2.06 22.92 -0.92
CA GLN C 109 -1.73 21.85 -0.01
C GLN C 109 -3.00 21.32 0.65
N MET C 110 -3.94 22.22 0.94
CA MET C 110 -5.27 21.78 1.38
C MET C 110 -5.93 20.92 0.30
N GLN C 111 -5.85 21.36 -0.96
CA GLN C 111 -6.34 20.56 -2.08
C GLN C 111 -5.71 19.16 -2.10
N ALA C 112 -4.39 19.10 -1.94
CA ALA C 112 -3.71 17.80 -1.98
C ALA C 112 -4.29 16.85 -0.93
N VAL C 113 -4.51 17.35 0.29
CA VAL C 113 -5.07 16.53 1.36
C VAL C 113 -6.45 15.99 0.97
N ARG C 114 -7.33 16.85 0.44
CA ARG C 114 -8.67 16.36 0.14
C ARG C 114 -8.65 15.38 -1.02
N LYS C 115 -7.83 15.62 -2.04
CA LYS C 115 -7.65 14.62 -3.10
C LYS C 115 -7.18 13.29 -2.53
N ALA C 116 -6.25 13.32 -1.58
CA ALA C 116 -5.79 12.08 -0.98
C ALA C 116 -6.89 11.40 -0.16
N GLN C 117 -7.77 12.18 0.48
CA GLN C 117 -8.86 11.56 1.23
C GLN C 117 -9.83 10.84 0.30
N LEU C 118 -10.09 11.41 -0.88
CA LEU C 118 -11.12 10.89 -1.80
C LEU C 118 -10.54 9.96 -2.85
N TYR C 119 -9.35 10.25 -3.36
CA TYR C 119 -8.68 9.40 -4.34
C TYR C 119 -7.30 9.00 -3.81
N PRO C 120 -7.24 8.25 -2.70
CA PRO C 120 -5.92 7.79 -2.19
C PRO C 120 -5.17 6.94 -3.19
N ILE C 121 -4.05 7.41 -3.74
CA ILE C 121 -3.32 6.63 -4.72
C ILE C 121 -1.97 6.31 -4.11
N ASN C 122 -1.82 5.08 -3.60
CA ASN C 122 -0.71 4.71 -2.72
C ASN C 122 -0.65 5.65 -1.52
N MET C 123 -1.82 5.89 -0.91
CA MET C 123 -1.95 6.70 0.30
C MET C 123 -2.82 6.00 1.34
N ARG C 124 -2.60 4.69 1.50
CA ARG C 124 -3.30 3.87 2.50
C ARG C 124 -3.27 4.50 3.88
N ASP C 125 -4.43 4.43 4.56
CA ASP C 125 -4.59 4.88 5.94
C ASP C 125 -4.72 6.40 6.04
N VAL C 126 -4.34 7.13 4.99
CA VAL C 126 -4.41 8.59 5.01
C VAL C 126 -5.85 9.09 5.05
N PRO C 127 -6.78 8.59 4.23
CA PRO C 127 -8.15 9.20 4.22
C PRO C 127 -8.76 9.27 5.61
N GLY C 128 -8.73 8.17 6.35
CA GLY C 128 -9.32 8.12 7.68
C GLY C 128 -8.54 8.75 8.80
N LYS C 129 -7.27 9.14 8.60
CA LYS C 129 -6.48 9.63 9.71
C LYS C 129 -6.24 11.13 9.67
N VAL C 130 -6.56 11.80 8.56
CA VAL C 130 -6.61 13.26 8.55
C VAL C 130 -7.70 13.72 9.51
N ALA C 131 -7.31 14.50 10.52
CA ALA C 131 -8.21 14.92 11.59
C ALA C 131 -8.55 16.42 11.57
N PHE C 132 -7.67 17.26 11.04
CA PHE C 132 -7.85 18.71 11.18
C PHE C 132 -6.92 19.44 10.22
N THR C 133 -7.47 20.27 9.35
CA THR C 133 -6.67 21.04 8.41
C THR C 133 -6.94 22.52 8.60
N VAL C 134 -5.84 23.29 8.63
CA VAL C 134 -5.87 24.74 8.73
C VAL C 134 -5.13 25.29 7.52
N GLY C 135 -5.82 26.08 6.71
CA GLY C 135 -5.30 26.58 5.44
C GLY C 135 -5.03 28.07 5.52
N LEU C 136 -3.88 28.49 5.01
CA LEU C 136 -3.53 29.90 4.92
C LEU C 136 -4.06 30.48 3.62
N PHE C 137 -4.44 31.76 3.65
CA PHE C 137 -4.63 32.48 2.39
C PHE C 137 -3.30 32.50 1.63
N CYS C 138 -3.37 32.49 0.31
CA CYS C 138 -2.13 32.54 -0.47
C CYS C 138 -2.41 33.11 -1.85
N MET C 139 -1.75 34.22 -2.19
CA MET C 139 -1.85 34.84 -3.49
C MET C 139 -0.87 34.23 -4.47
N GLU C 140 0.36 33.98 -4.03
CA GLU C 140 1.40 33.36 -4.86
C GLU C 140 2.58 33.01 -3.96
N ASN C 141 3.47 32.15 -4.49
CA ASN C 141 4.69 31.73 -3.78
C ASN C 141 5.91 31.85 -4.71
N PHE C 142 7.08 31.55 -4.14
CA PHE C 142 8.38 31.81 -4.75
C PHE C 142 9.34 30.67 -4.48
N SER C 143 10.30 30.46 -5.40
CA SER C 143 11.40 29.56 -5.08
C SER C 143 12.32 30.23 -4.06
N TYR C 144 13.20 29.42 -3.46
CA TYR C 144 14.14 30.00 -2.50
C TYR C 144 15.09 30.98 -3.20
N LYS C 145 15.54 30.65 -4.42
CA LYS C 145 16.41 31.60 -5.13
C LYS C 145 15.68 32.92 -5.43
N SER C 146 14.38 32.83 -5.75
CA SER C 146 13.56 34.04 -5.89
C SER C 146 13.55 34.85 -4.60
N LEU C 147 13.22 34.21 -3.47
CA LEU C 147 13.21 34.92 -2.19
C LEU C 147 14.58 35.55 -1.91
N GLN C 148 15.67 34.81 -2.14
CA GLN C 148 17.01 35.40 -1.94
C GLN C 148 17.18 36.65 -2.80
N SER C 149 16.82 36.55 -4.08
CA SER C 149 16.99 37.67 -5.00
C SER C 149 16.19 38.87 -4.54
N ILE C 150 14.96 38.64 -4.10
CA ILE C 150 14.09 39.73 -3.66
C ILE C 150 14.65 40.40 -2.41
N VAL C 151 15.03 39.60 -1.40
CA VAL C 151 15.46 40.18 -0.13
C VAL C 151 16.85 40.79 -0.26
N GLU C 152 17.77 40.10 -0.93
CA GLU C 152 19.18 40.53 -0.85
C GLU C 152 19.47 41.67 -1.83
N ASP C 153 18.90 41.58 -3.04
CA ASP C 153 19.10 42.60 -4.07
C ASP C 153 18.08 43.72 -3.92
N HIS C 154 16.80 43.41 -4.14
CA HIS C 154 15.78 44.45 -4.23
C HIS C 154 15.58 45.16 -2.89
N ALA C 155 15.55 44.43 -1.77
CA ALA C 155 15.42 45.07 -0.46
C ALA C 155 16.77 45.43 0.16
N ASN C 156 17.86 44.90 -0.42
CA ASN C 156 19.22 45.11 0.09
C ASN C 156 19.40 44.70 1.56
N GLN C 157 18.82 43.57 1.96
CA GLN C 157 18.97 43.12 3.34
C GLN C 157 19.71 41.79 3.40
N SER C 158 20.44 41.56 4.49
CA SER C 158 20.98 40.23 4.76
C SER C 158 19.89 39.32 5.35
N LEU C 159 19.72 38.13 4.77
CA LEU C 159 18.73 37.18 5.27
C LEU C 159 18.95 36.84 6.73
N GLY C 160 20.21 36.76 7.16
CA GLY C 160 20.49 36.46 8.56
C GLY C 160 20.00 37.52 9.53
N SER C 161 19.56 38.68 9.03
CA SER C 161 19.10 39.75 9.89
C SER C 161 17.59 39.93 9.89
N VAL C 162 16.88 39.22 9.01
CA VAL C 162 15.46 39.47 8.81
C VAL C 162 14.67 38.80 9.93
N LYS C 163 13.75 39.57 10.52
CA LYS C 163 12.88 39.10 11.58
C LYS C 163 11.49 38.74 11.07
N LYS C 164 11.04 39.41 10.01
CA LYS C 164 9.70 39.19 9.48
C LYS C 164 9.72 39.68 8.05
N MET C 165 8.91 39.03 7.22
CA MET C 165 8.61 39.50 5.87
C MET C 165 7.10 39.60 5.74
N GLU C 166 6.64 40.52 4.89
CA GLU C 166 5.21 40.74 4.74
C GLU C 166 4.93 41.34 3.37
N ILE C 167 4.01 40.73 2.65
CA ILE C 167 3.47 41.27 1.40
C ILE C 167 2.15 41.95 1.74
N THR C 168 2.08 43.26 1.54
CA THR C 168 0.88 44.00 1.88
C THR C 168 0.99 45.38 1.29
N LYS C 169 -0.16 45.99 1.03
CA LYS C 169 -0.24 47.37 0.54
C LYS C 169 0.67 47.58 -0.66
N GLY C 170 0.68 46.58 -1.55
CA GLY C 170 1.43 46.66 -2.81
C GLY C 170 2.93 46.51 -2.69
N LYS C 171 3.44 46.07 -1.55
CA LYS C 171 4.89 45.99 -1.38
C LYS C 171 5.27 44.69 -0.69
N PHE C 172 6.50 44.26 -0.96
CA PHE C 172 7.17 43.21 -0.19
C PHE C 172 7.95 43.91 0.92
N TRP C 173 7.56 43.69 2.17
CA TRP C 173 8.16 44.36 3.32
C TRP C 173 9.19 43.44 4.01
N VAL C 174 10.34 44.00 4.36
CA VAL C 174 11.37 43.25 5.10
C VAL C 174 11.68 43.98 6.40
N TYR C 175 11.51 43.28 7.51
CA TYR C 175 11.82 43.85 8.82
C TYR C 175 13.04 43.16 9.42
N THR C 176 14.02 43.94 9.84
CA THR C 176 15.22 43.35 10.42
C THR C 176 15.14 43.31 11.94
N GLU C 177 15.98 42.44 12.52
CA GLU C 177 16.00 42.28 13.96
C GLU C 177 16.45 43.57 14.64
N ARG C 178 17.36 44.32 14.02
CA ARG C 178 17.84 45.52 14.66
C ARG C 178 16.90 46.72 14.48
N GLY C 179 15.78 46.53 13.79
CA GLY C 179 14.71 47.51 13.78
C GLY C 179 14.50 48.26 12.48
N ASN C 180 15.15 47.87 11.40
N ASN C 180 15.17 47.88 11.40
CA ASN C 180 14.99 48.59 10.14
CA ASN C 180 14.97 48.61 10.15
C ASN C 180 13.90 47.94 9.28
C ASN C 180 13.86 47.98 9.33
N VAL C 181 13.40 48.72 8.31
CA VAL C 181 12.33 48.30 7.43
C VAL C 181 12.75 48.61 5.99
N ALA C 182 12.50 47.68 5.08
CA ALA C 182 12.74 47.90 3.66
C ALA C 182 11.53 47.41 2.89
N THR C 183 11.27 48.04 1.74
CA THR C 183 10.17 47.61 0.89
C THR C 183 10.63 47.47 -0.55
N VAL C 184 9.90 46.63 -1.28
CA VAL C 184 10.10 46.36 -2.70
C VAL C 184 8.73 46.47 -3.35
N PRO C 185 8.56 47.20 -4.45
CA PRO C 185 7.26 47.20 -5.13
C PRO C 185 6.98 45.81 -5.68
N LEU C 186 5.76 45.32 -5.47
CA LEU C 186 5.39 43.99 -5.95
C LEU C 186 5.55 43.85 -7.46
N LYS C 187 5.47 44.95 -8.21
CA LYS C 187 5.71 44.86 -9.65
C LYS C 187 7.09 44.26 -9.93
N ALA C 188 8.08 44.56 -9.08
CA ALA C 188 9.42 44.04 -9.26
C ALA C 188 9.52 42.56 -8.95
N THR C 189 8.58 42.01 -8.16
CA THR C 189 8.66 40.63 -7.72
C THR C 189 8.03 39.64 -8.70
N HIS C 190 7.26 40.13 -9.69
CA HIS C 190 6.42 39.24 -10.48
C HIS C 190 7.25 38.25 -11.28
N LYS C 191 8.40 38.66 -11.81
CA LYS C 191 9.17 37.71 -12.59
C LYS C 191 9.58 36.49 -11.77
N TYR C 192 9.61 36.60 -10.44
CA TYR C 192 10.17 35.58 -9.57
C TYR C 192 9.13 34.57 -9.07
N GLU C 193 7.84 34.75 -9.38
CA GLU C 193 6.81 33.89 -8.85
C GLU C 193 6.97 32.45 -9.35
N GLN C 194 6.58 31.50 -8.53
CA GLN C 194 6.63 30.12 -8.99
C GLN C 194 5.59 29.96 -10.11
N PRO C 195 5.99 29.49 -11.30
CA PRO C 195 5.05 29.48 -12.43
C PRO C 195 3.78 28.67 -12.19
N GLY C 196 3.87 27.60 -11.39
CA GLY C 196 2.70 26.77 -11.11
C GLY C 196 1.62 27.46 -10.29
N CYS C 197 1.92 28.61 -9.69
CA CYS C 197 0.93 29.41 -8.97
C CYS C 197 -0.03 30.11 -9.90
N HIS C 198 0.28 30.18 -11.19
CA HIS C 198 -0.46 31.01 -12.13
C HIS C 198 -1.71 30.34 -12.67
N VAL C 199 -2.03 29.17 -12.10
CA VAL C 199 -3.04 28.26 -12.58
C VAL C 199 -3.90 27.91 -11.36
N CYS C 200 -3.62 28.60 -10.26
CA CYS C 200 -4.26 28.36 -8.98
C CYS C 200 -5.52 29.22 -8.84
N LEU C 201 -6.64 28.56 -8.57
CA LEU C 201 -7.96 29.19 -8.55
C LEU C 201 -8.56 29.17 -7.14
N ASP C 202 -7.71 29.40 -6.14
CA ASP C 202 -8.10 29.24 -4.74
C ASP C 202 -7.30 30.25 -3.93
N TYR C 203 -7.99 31.20 -3.33
CA TYR C 203 -7.29 32.25 -2.59
C TYR C 203 -7.35 32.05 -1.09
N VAL C 204 -8.51 31.72 -0.53
CA VAL C 204 -8.65 31.70 0.93
C VAL C 204 -8.74 30.26 1.43
N SER C 205 -8.00 29.35 0.81
CA SER C 205 -7.95 27.94 1.22
C SER C 205 -9.37 27.39 1.40
N ASN C 206 -10.04 27.28 0.26
CA ASN C 206 -11.44 26.89 0.23
C ASN C 206 -11.68 25.53 0.87
N LEU C 207 -10.71 24.63 0.80
CA LEU C 207 -10.94 23.23 1.15
C LEU C 207 -10.46 22.88 2.56
N ALA C 208 -10.06 23.87 3.36
CA ALA C 208 -9.60 23.58 4.70
C ALA C 208 -10.78 23.48 5.66
N ASP C 209 -10.51 22.89 6.84
CA ASP C 209 -11.53 22.90 7.88
C ASP C 209 -11.73 24.31 8.37
N ILE C 210 -10.61 25.01 8.60
CA ILE C 210 -10.60 26.41 8.98
C ILE C 210 -9.57 27.09 8.09
N SER C 211 -9.88 28.29 7.62
CA SER C 211 -8.97 29.05 6.78
C SER C 211 -8.62 30.34 7.50
N THR C 212 -7.39 30.79 7.34
CA THR C 212 -6.97 31.98 8.05
C THR C 212 -5.94 32.75 7.23
N GLY C 213 -6.00 34.06 7.34
CA GLY C 213 -5.08 34.93 6.63
C GLY C 213 -5.11 36.33 7.20
N SER C 214 -4.52 37.27 6.47
CA SER C 214 -4.35 38.62 6.98
C SER C 214 -5.34 39.62 6.38
N VAL C 215 -5.50 39.57 5.05
CA VAL C 215 -6.29 40.56 4.34
C VAL C 215 -7.70 40.62 4.92
N GLY C 216 -8.19 41.84 5.12
CA GLY C 216 -9.50 42.11 5.64
C GLY C 216 -9.51 42.48 7.10
N SER C 217 -8.43 42.18 7.80
CA SER C 217 -8.34 42.44 9.22
C SER C 217 -7.19 43.40 9.48
N PRO C 218 -7.27 44.18 10.56
CA PRO C 218 -6.14 45.03 10.96
C PRO C 218 -4.88 44.21 11.25
N ASP C 219 -3.78 44.93 11.44
CA ASP C 219 -2.53 44.29 11.81
C ASP C 219 -2.64 43.66 13.20
N GLY C 220 -2.00 42.50 13.37
CA GLY C 220 -2.14 41.73 14.59
C GLY C 220 -3.36 40.84 14.62
N TRP C 221 -4.26 40.96 13.64
CA TRP C 221 -5.52 40.23 13.58
C TRP C 221 -5.60 39.41 12.30
N SER C 222 -6.40 38.36 12.34
CA SER C 222 -6.60 37.49 11.18
C SER C 222 -8.06 37.45 10.76
N THR C 223 -8.28 37.31 9.46
CA THR C 223 -9.57 36.92 8.95
C THR C 223 -9.66 35.40 8.93
N VAL C 224 -10.71 34.85 9.54
CA VAL C 224 -10.87 33.41 9.73
C VAL C 224 -12.19 32.95 9.12
N PHE C 225 -12.15 31.93 8.26
CA PHE C 225 -13.33 31.22 7.81
C PHE C 225 -13.44 29.89 8.55
N ILE C 226 -14.61 29.62 9.12
CA ILE C 226 -14.90 28.32 9.70
C ILE C 226 -15.81 27.59 8.74
N ARG C 227 -15.34 26.46 8.21
CA ARG C 227 -15.93 25.88 7.02
C ARG C 227 -16.61 24.53 7.24
N THR C 228 -15.93 23.55 7.83
CA THR C 228 -16.45 22.19 7.93
C THR C 228 -16.99 21.93 9.32
N LYS C 229 -17.67 20.79 9.47
CA LYS C 229 -18.14 20.40 10.80
C LYS C 229 -16.97 20.21 11.76
N VAL C 230 -15.91 19.52 11.31
CA VAL C 230 -14.66 19.47 12.07
C VAL C 230 -14.24 20.89 12.48
N GLY C 231 -14.21 21.80 11.51
CA GLY C 231 -13.77 23.16 11.80
C GLY C 231 -14.66 23.85 12.81
N ASN C 232 -15.98 23.69 12.67
CA ASN C 232 -16.90 24.36 13.60
C ASN C 232 -16.81 23.77 15.01
N GLU C 233 -16.71 22.45 15.13
CA GLU C 233 -16.56 21.88 16.46
C GLU C 233 -15.32 22.44 17.17
N ILE C 234 -14.19 22.49 16.47
CA ILE C 234 -12.95 22.89 17.14
C ILE C 234 -12.98 24.37 17.48
N TRP C 235 -13.42 25.20 16.53
CA TRP C 235 -13.47 26.65 16.75
C TRP C 235 -14.41 27.00 17.92
N SER C 236 -15.67 26.54 17.86
CA SER C 236 -16.62 26.75 18.96
C SER C 236 -15.99 26.45 20.29
N LYS C 237 -15.39 25.26 20.40
CA LYS C 237 -14.90 24.85 21.70
C LYS C 237 -13.70 25.69 22.12
N ALA C 238 -12.90 26.16 21.15
CA ALA C 238 -11.74 26.98 21.52
C ALA C 238 -12.18 28.36 21.94
N VAL C 239 -13.12 28.95 21.21
CA VAL C 239 -13.68 30.23 21.62
C VAL C 239 -14.24 30.10 23.03
N ALA C 240 -15.11 29.11 23.25
CA ALA C 240 -15.70 28.89 24.57
C ALA C 240 -14.62 28.71 25.64
N ASP C 241 -13.47 28.14 25.29
CA ASP C 241 -12.42 27.91 26.27
C ASP C 241 -11.53 29.11 26.46
N GLY C 242 -11.81 30.21 25.77
CA GLY C 242 -11.09 31.45 25.98
C GLY C 242 -9.86 31.63 25.12
N MET C 243 -9.77 30.92 24.00
CA MET C 243 -8.53 30.89 23.24
C MET C 243 -8.39 32.02 22.22
N PHE C 244 -9.47 32.74 21.93
CA PHE C 244 -9.44 33.73 20.85
C PHE C 244 -10.29 34.94 21.22
N GLU C 245 -9.83 36.13 20.80
CA GLU C 245 -10.70 37.30 20.67
C GLU C 245 -11.29 37.29 19.29
N THR C 246 -12.58 37.62 19.18
CA THR C 246 -13.23 37.70 17.88
C THR C 246 -14.00 39.01 17.75
N LYS C 247 -14.35 39.31 16.49
CA LYS C 247 -15.16 40.43 16.09
C LYS C 247 -15.86 39.87 14.86
N PRO C 248 -17.17 40.10 14.69
CA PRO C 248 -17.80 39.75 13.42
C PRO C 248 -17.11 40.49 12.29
N ILE C 249 -16.95 39.83 11.15
CA ILE C 249 -16.07 40.39 10.13
C ILE C 249 -16.68 41.64 9.51
N GLU C 250 -18.03 41.73 9.48
CA GLU C 250 -18.68 42.89 8.90
C GLU C 250 -18.45 44.18 9.71
N GLU C 251 -18.04 44.08 10.97
CA GLU C 251 -17.74 45.24 11.79
C GLU C 251 -16.27 45.65 11.74
N VAL C 252 -15.54 45.23 10.71
CA VAL C 252 -14.09 45.33 10.68
C VAL C 252 -13.64 45.92 9.35
N LYS C 253 -12.69 46.83 9.39
CA LYS C 253 -12.23 47.32 8.11
C LYS C 253 -10.84 46.75 7.77
N PRO C 254 -10.57 46.44 6.49
CA PRO C 254 -11.41 46.64 5.31
C PRO C 254 -12.50 45.61 5.19
N GLY C 255 -12.28 44.48 5.86
CA GLY C 255 -13.26 43.43 5.92
C GLY C 255 -13.44 42.67 4.62
N LEU C 256 -14.57 41.96 4.59
CA LEU C 256 -14.82 40.93 3.59
C LEU C 256 -15.00 41.49 2.20
N ASP C 257 -15.22 42.81 2.09
CA ASP C 257 -15.41 43.40 0.79
C ASP C 257 -14.10 43.49 0.02
N LEU C 258 -13.04 43.98 0.69
CA LEU C 258 -11.70 43.97 0.10
C LEU C 258 -11.26 42.53 -0.21
N LEU C 259 -11.46 41.62 0.74
CA LEU C 259 -11.04 40.25 0.58
C LEU C 259 -11.69 39.60 -0.64
N ARG C 260 -13.03 39.72 -0.75
CA ARG C 260 -13.71 39.13 -1.90
C ARG C 260 -13.19 39.69 -3.22
N LYS C 261 -12.74 40.95 -3.21
CA LYS C 261 -12.23 41.57 -4.43
C LYS C 261 -10.88 40.98 -4.84
N LEU C 262 -9.96 40.84 -3.88
CA LEU C 262 -8.66 40.26 -4.20
C LEU C 262 -8.81 38.81 -4.61
N ALA C 263 -9.70 38.08 -3.94
CA ALA C 263 -9.99 36.72 -4.36
C ALA C 263 -10.44 36.71 -5.81
N LYS C 264 -11.32 37.64 -6.17
CA LYS C 264 -11.82 37.69 -7.54
C LYS C 264 -10.70 38.01 -8.53
N GLN C 265 -9.82 38.96 -8.20
CA GLN C 265 -8.72 39.24 -9.13
C GLN C 265 -7.85 38.00 -9.33
N LYS C 266 -7.55 37.28 -8.25
CA LYS C 266 -6.72 36.09 -8.37
C LYS C 266 -7.35 35.08 -9.30
N ILE C 267 -8.57 34.65 -9.00
CA ILE C 267 -9.22 33.63 -9.83
C ILE C 267 -9.34 34.12 -11.27
N ASP C 268 -9.77 35.37 -11.46
CA ASP C 268 -9.96 35.91 -12.81
C ASP C 268 -8.67 35.86 -13.61
N LYS C 269 -7.58 36.36 -13.03
CA LYS C 269 -6.30 36.35 -13.74
C LYS C 269 -5.84 34.92 -14.04
N ASN C 270 -5.98 34.03 -13.06
CA ASN C 270 -5.47 32.67 -13.23
C ASN C 270 -6.37 31.83 -14.13
N GLN C 271 -7.70 32.05 -14.07
CA GLN C 271 -8.59 31.39 -15.02
C GLN C 271 -8.24 31.77 -16.45
N LYS C 272 -7.89 33.03 -16.68
CA LYS C 272 -7.43 33.45 -18.00
C LYS C 272 -6.22 32.62 -18.42
N THR C 273 -5.21 32.54 -17.53
CA THR C 273 -4.01 31.76 -17.84
C THR C 273 -4.37 30.31 -18.15
N VAL C 274 -5.20 29.71 -17.29
CA VAL C 274 -5.70 28.36 -17.55
C VAL C 274 -6.27 28.26 -18.97
N GLU C 275 -7.00 29.29 -19.39
CA GLU C 275 -7.64 29.25 -20.71
C GLU C 275 -6.62 29.42 -21.83
N GLU C 276 -5.66 30.32 -21.66
CA GLU C 276 -4.66 30.50 -22.70
C GLU C 276 -3.83 29.24 -22.94
N ARG C 277 -3.75 28.35 -21.94
CA ARG C 277 -3.00 27.12 -22.11
C ARG C 277 -3.57 26.28 -23.24
N LYS C 278 -4.90 26.28 -23.39
CA LYS C 278 -5.55 25.41 -24.36
C LYS C 278 -5.11 25.72 -25.78
N THR C 279 -4.80 26.97 -26.06
CA THR C 279 -4.33 27.37 -27.38
C THR C 279 -2.93 27.90 -27.32
N PHE C 280 -2.11 27.33 -26.43
CA PHE C 280 -0.78 27.89 -26.25
C PHE C 280 0.06 27.71 -27.50
N GLY C 281 -0.13 26.61 -28.22
CA GLY C 281 0.68 26.29 -29.37
C GLY C 281 -0.02 26.67 -30.66
N ILE C 282 0.49 26.12 -31.76
CA ILE C 282 -0.20 26.18 -33.03
C ILE C 282 -0.84 24.82 -33.26
N ASN C 283 -2.18 24.79 -33.22
CA ASN C 283 -2.93 23.57 -33.44
C ASN C 283 -2.77 22.58 -32.28
N LYS C 284 -2.35 23.08 -31.11
CA LYS C 284 -2.21 22.24 -29.94
C LYS C 284 -2.07 23.15 -28.74
N GLY C 285 -2.26 22.56 -27.56
CA GLY C 285 -2.14 23.33 -26.34
C GLY C 285 -1.46 22.58 -25.20
N LEU C 286 -1.45 23.18 -24.02
CA LEU C 286 -0.89 22.56 -22.83
C LEU C 286 -2.01 21.92 -22.02
N ARG C 287 -1.61 20.99 -21.14
CA ARG C 287 -2.53 20.24 -20.28
C ARG C 287 -3.27 21.17 -19.33
N ASN C 288 -4.53 20.83 -19.07
CA ASN C 288 -5.31 21.51 -18.06
C ASN C 288 -5.69 20.49 -17.00
N PRO C 289 -5.14 20.59 -15.79
CA PRO C 289 -5.44 19.59 -14.75
C PRO C 289 -6.89 19.61 -14.32
N TYR C 290 -7.62 20.65 -14.66
CA TYR C 290 -8.99 20.82 -14.23
C TYR C 290 -10.00 20.29 -15.26
N ALA C 291 -9.56 19.95 -16.46
CA ALA C 291 -10.45 19.63 -17.59
C ALA C 291 -11.50 18.58 -17.24
FE1 SF4 D . 1.21 -6.74 -6.39
FE2 SF4 D . 1.24 -5.63 -8.91
FE3 SF4 D . 1.81 -4.11 -6.65
FE4 SF4 D . -0.84 -5.14 -7.01
S1 SF4 D . 0.19 -3.60 -8.36
S2 SF4 D . 0.51 -5.10 -5.02
S3 SF4 D . -0.36 -7.21 -8.16
S4 SF4 D . 3.14 -5.94 -7.36
FE1 SF4 E . 8.39 5.44 -9.49
FE2 SF4 E . 6.44 7.43 -8.99
FE3 SF4 E . 7.86 6.08 -6.90
FE4 SF4 E . 5.88 4.75 -8.40
S1 SF4 E . 5.50 6.51 -7.07
S2 SF4 E . 8.05 4.01 -7.74
S3 SF4 E . 6.19 5.66 -10.54
S4 SF4 E . 8.82 7.46 -8.50
FE1 SF4 F . 4.89 16.50 -6.73
FE2 SF4 F . 4.83 19.01 -8.08
FE3 SF4 F . 3.06 18.47 -5.80
FE4 SF4 F . 2.64 17.30 -8.21
S1 SF4 F . 2.45 19.52 -7.77
S2 SF4 F . 2.67 16.17 -6.18
S3 SF4 F . 4.85 16.94 -9.10
S4 SF4 F . 5.40 18.54 -5.80
FE1 FES G . 10.97 7.09 -16.31
S1 FES G . 13.11 6.24 -16.28
S2 FES G . 10.17 6.68 -18.45
C1 144 H . -8.57 -20.25 -17.35
N 144 H . -8.90 -20.25 -15.93
C2 144 H . -7.55 -19.93 -15.09
O2 144 H . -7.37 -18.67 -14.98
C3 144 H . -9.99 -19.18 -15.62
O3 144 H . -10.42 -19.25 -14.21
C4 144 H . -9.40 -21.61 -15.56
O4 144 H . -9.74 -22.39 -16.74
O6 BU3 I . -13.24 8.09 1.36
C3 BU3 I . -12.75 8.51 2.60
C4 BU3 I . -12.14 7.34 3.37
C2 BU3 I . -13.84 9.01 3.54
O5 BU3 I . -13.15 9.58 4.60
C1 BU3 I . -14.70 7.83 4.02
O6 BU3 J . -9.87 1.16 7.51
C3 BU3 J . -9.01 1.33 6.41
C4 BU3 J . -9.31 0.23 5.40
C2 BU3 J . -7.55 1.25 6.86
O5 BU3 J . -6.76 0.76 5.80
C1 BU3 J . -7.44 0.36 8.11
FE J52 K . 6.09 -16.50 0.20
NI J52 K . 3.95 -15.25 -0.90
C1 J52 K . 5.64 -16.90 1.93
N1 J52 K . 5.29 -17.13 3.03
C2 J52 K . 6.12 -18.28 -0.25
N2 J52 K . 6.13 -19.41 -0.55
C3 J52 K . 7.90 -16.39 0.64
O3 J52 K . 9.04 -16.32 0.89
C J52 K . 2.80 -15.72 0.30
O J52 K . 1.82 -16.06 0.81
FE FE L . 14.46 -19.26 -7.78
MG MG M . 15.86 -33.77 15.77
C1 144 N . 12.77 -36.05 15.15
N 144 N . 11.76 -36.85 15.05
C2 144 N . 11.84 -37.51 13.80
O2 144 N . 13.21 -37.71 13.46
C3 144 N . 11.79 -37.80 16.11
O3 144 N . 12.50 -37.23 17.20
C4 144 N . 10.58 -36.08 15.10
O4 144 N . 10.80 -34.84 14.43
C1 MPD O . -14.88 -15.05 3.52
C2 MPD O . -14.46 -13.71 2.94
O2 MPD O . -15.48 -12.76 3.25
CM MPD O . -14.40 -13.90 1.44
C3 MPD O . -13.13 -13.20 3.50
C4 MPD O . -12.72 -11.79 3.03
O4 MPD O . -13.11 -10.83 3.99
C5 MPD O . -11.22 -11.68 2.87
O6 BU3 P . 8.86 9.65 2.10
C3 BU3 P . 9.76 9.78 3.18
C4 BU3 P . 9.18 9.03 4.39
C2 BU3 P . 9.97 11.26 3.47
O5 BU3 P . 9.44 11.53 4.73
C1 BU3 P . 9.21 12.13 2.47
PA FAD Q . 1.44 31.72 12.69
O1A FAD Q . 2.54 32.80 12.56
O2A FAD Q . 1.03 31.49 14.06
O5B FAD Q . 1.97 30.31 12.12
C5B FAD Q . 2.53 30.18 10.83
C4B FAD Q . 1.77 29.12 10.08
O4B FAD Q . 2.03 29.31 8.77
C3B FAD Q . 2.20 27.69 10.44
O3B FAD Q . 1.11 26.90 10.32
C2B FAD Q . 3.13 27.27 9.30
O2B FAD Q . 3.10 25.76 9.22
C1B FAD Q . 2.60 27.94 8.21
N9A FAD Q . 3.51 28.39 7.24
C8A FAD Q . 4.45 29.43 7.39
N7A FAD Q . 5.17 29.50 6.12
C5A FAD Q . 4.60 28.46 5.26
C6A FAD Q . 4.87 28.05 3.96
N6A FAD Q . 5.83 28.51 2.95
N1A FAD Q . 4.18 27.02 3.36
C2A FAD Q . 3.18 26.35 4.04
N3A FAD Q . 2.89 26.75 5.34
C4A FAD Q . 3.61 27.81 5.97
N1 FAD Q . -2.37 35.91 3.78
C2 FAD Q . -3.24 36.92 3.25
O2 FAD Q . -4.07 37.45 3.96
N3 FAD Q . -3.11 37.27 1.91
C4 FAD Q . -2.12 36.67 1.06
O4 FAD Q . -2.02 36.96 -0.05
C4X FAD Q . -1.20 35.64 1.62
N5 FAD Q . -0.21 35.02 0.76
C5X FAD Q . 0.59 34.01 1.43
C6 FAD Q . 1.55 33.37 0.68
C7 FAD Q . 2.35 32.41 1.29
C7M FAD Q . 3.29 31.96 0.09
C8 FAD Q . 2.17 32.06 2.68
C8M FAD Q . 3.11 30.94 3.24
C9 FAD Q . 1.24 32.65 3.45
C9A FAD Q . 0.43 33.67 2.79
N10 FAD Q . -0.56 34.32 3.59
C10 FAD Q . -1.37 35.29 2.95
C1' FAD Q . -0.79 33.96 5.01
C2' FAD Q . -0.24 34.91 6.04
O2' FAD Q . 0.97 35.34 5.56
C3' FAD Q . -0.01 34.10 7.31
O3' FAD Q . 0.71 32.98 6.93
C4' FAD Q . -1.37 33.62 7.90
O4' FAD Q . -2.13 34.76 8.23
C5' FAD Q . -1.11 32.76 9.16
O5' FAD Q . -0.73 33.63 10.16
P FAD Q . -0.89 33.26 11.67
O1P FAD Q . -2.31 32.70 11.89
O2P FAD Q . -0.50 34.31 12.63
O3P FAD Q . 0.20 31.99 11.81
FE1 SF4 R . -0.09 26.95 -3.83
FE2 SF4 R . -1.89 28.50 -5.22
FE3 SF4 R . 0.85 28.92 -5.51
FE4 SF4 R . -0.30 29.69 -3.19
S1 SF4 R . -0.86 30.61 -5.27
S2 SF4 R . 1.66 28.35 -3.37
S3 SF4 R . -2.00 28.12 -2.85
S4 SF4 R . -0.32 26.97 -6.16
#